data_9HB8
#
_entry.id   9HB8
#
_cell.length_a   100.507
_cell.length_b   94.11
_cell.length_c   87.922
_cell.angle_alpha   90.0
_cell.angle_beta   90.0
_cell.angle_gamma   90.0
#
_symmetry.space_group_name_H-M   'P 21 21 2'
#
loop_
_entity.id
_entity.type
_entity.pdbx_description
1 polymer 'Tryptophan 5-hydroxylase 2'
2 non-polymer 'FE (III) ION'
3 non-polymer 3-ethyl-8-[(2-methylimidazo[2,1-b][1,3]thiazol-6-yl)methyl]-7-[[4-(1-methylpyrazol-3-yl)phenyl]methyl]purine-2,6-dione
4 water water
#
_entity_poly.entity_id   1
_entity_poly.type   'polypeptide(L)'
_entity_poly.pdbx_seq_one_letter_code
;MKHHHHHHHGAAGTSLYKKAGENLYFQGSLEDVPWFPRKISELDKCSHRVLMYGSELDADHPGFKDNVYRQRRKYFVDVA
MGYKYGQPIPRVEYTEEETKTWGVVFRELSKLYPTHACREYLKNFPLLTKYCGYREDNVPQLEDVSMFLKERSGFTVRPV
AGYLSPRDFLAGLAYRVFHCTQYIRHGSDPLYTPEPDTCHELLGHVPLLADPKFAQFSQEIGLASLGASDEDVQKLATCY
FFTIEFGLCKQEGQLRAYGAGLLSSIGELKHALSDKACVKAFDPKTTCLQECLITTFQEAYFVSESFEEAKEKMRDFAKS
ITRPFSVYFNPYTQSIEILKDTRSIENVVQDLRSDLNTVCDALNKMNQYLGI
;
_entity_poly.pdbx_strand_id   A,B
#
# COMPACT_ATOMS: atom_id res chain seq x y z
N GLU A 31 -20.90 15.56 12.94
CA GLU A 31 -21.00 15.80 11.51
C GLU A 31 -20.55 17.21 11.16
N ASP A 32 -20.19 17.97 12.19
CA ASP A 32 -19.72 19.34 12.03
C ASP A 32 -18.20 19.37 11.91
N VAL A 33 -17.62 18.19 11.80
CA VAL A 33 -16.18 18.02 11.66
C VAL A 33 -15.72 18.27 10.23
N PRO A 34 -14.65 19.07 10.07
CA PRO A 34 -14.17 19.45 8.73
C PRO A 34 -13.81 18.22 7.90
N TRP A 35 -14.14 18.25 6.63
CA TRP A 35 -13.95 17.10 5.76
C TRP A 35 -12.48 16.73 5.63
N PHE A 36 -12.21 15.43 5.55
CA PHE A 36 -10.89 14.94 5.21
C PHE A 36 -11.05 13.75 4.26
N PRO A 37 -10.06 13.49 3.41
CA PRO A 37 -10.14 12.36 2.49
C PRO A 37 -10.16 11.04 3.24
N ARG A 38 -11.10 10.16 2.90
CA ARG A 38 -11.27 8.93 3.65
C ARG A 38 -10.70 7.74 2.90
N LYS A 39 -10.44 7.92 1.60
CA LYS A 39 -9.73 6.92 0.80
C LYS A 39 -8.75 7.62 -0.14
N ILE A 40 -7.68 6.93 -0.53
CA ILE A 40 -6.59 7.52 -1.32
C ILE A 40 -7.01 8.30 -2.56
N SER A 41 -8.07 7.87 -3.25
CA SER A 41 -8.47 8.54 -4.47
C SER A 41 -9.09 9.90 -4.18
N GLU A 42 -9.62 10.06 -2.98
CA GLU A 42 -10.25 11.31 -2.56
C GLU A 42 -9.22 12.41 -2.35
N LEU A 43 -7.95 12.01 -2.19
CA LEU A 43 -6.89 12.97 -1.90
C LEU A 43 -6.70 13.97 -3.04
N ASP A 44 -7.21 13.65 -4.23
CA ASP A 44 -7.12 14.55 -5.37
C ASP A 44 -7.77 15.91 -5.10
N LYS A 45 -8.88 15.92 -4.37
CA LYS A 45 -9.53 17.17 -3.99
C LYS A 45 -8.57 18.08 -3.22
N CYS A 46 -7.78 17.48 -2.35
CA CYS A 46 -6.81 18.23 -1.57
C CYS A 46 -5.69 18.77 -2.46
N SER A 47 -5.18 17.91 -3.34
CA SER A 47 -4.06 18.23 -4.21
C SER A 47 -4.36 19.41 -5.15
N HIS A 48 -5.60 19.48 -5.61
CA HIS A 48 -6.01 20.49 -6.58
C HIS A 48 -6.61 21.77 -5.98
N ARG A 49 -6.89 21.79 -4.68
CA ARG A 49 -7.36 23.02 -4.04
C ARG A 49 -6.20 23.97 -3.81
N VAL A 50 -5.63 24.48 -4.91
CA VAL A 50 -4.46 25.34 -4.85
C VAL A 50 -4.87 26.76 -4.51
N LEU A 51 -4.39 27.26 -3.38
CA LEU A 51 -4.66 28.63 -2.97
C LEU A 51 -3.83 29.64 -3.75
N MET A 52 -2.59 29.27 -4.06
CA MET A 52 -1.72 30.14 -4.85
C MET A 52 -0.84 29.36 -5.81
N TYR A 53 -1.08 29.56 -7.10
CA TYR A 53 -0.39 28.81 -8.15
C TYR A 53 1.07 29.20 -8.32
N GLY A 54 1.86 28.25 -8.80
CA GLY A 54 3.29 28.48 -9.00
C GLY A 54 3.54 29.56 -10.02
N SER A 55 2.59 29.73 -10.94
CA SER A 55 2.69 30.75 -11.98
C SER A 55 2.52 32.16 -11.44
N GLU A 56 2.13 32.27 -10.17
CA GLU A 56 1.89 33.57 -9.56
C GLU A 56 3.12 33.99 -8.79
N LEU A 57 4.04 34.66 -9.47
CA LEU A 57 5.27 35.10 -8.83
C LEU A 57 5.03 36.30 -7.92
N ASP A 58 5.68 36.28 -6.77
CA ASP A 58 5.56 37.33 -5.77
C ASP A 58 6.34 38.56 -6.24
N ALA A 59 6.00 39.74 -5.73
CA ALA A 59 6.55 40.99 -6.26
C ALA A 59 8.07 41.08 -6.19
N ASP A 60 8.67 40.44 -5.18
CA ASP A 60 10.11 40.52 -5.02
C ASP A 60 10.79 39.26 -5.54
N HIS A 61 10.05 38.47 -6.32
CA HIS A 61 10.60 37.27 -6.93
C HIS A 61 11.68 37.66 -7.94
N PRO A 62 12.77 36.91 -7.99
CA PRO A 62 13.84 37.21 -8.95
C PRO A 62 13.39 37.01 -10.40
N GLY A 63 12.35 36.21 -10.63
CA GLY A 63 11.83 36.02 -11.97
C GLY A 63 10.57 36.80 -12.29
N PHE A 64 10.26 37.81 -11.47
CA PHE A 64 9.00 38.54 -11.57
C PHE A 64 8.83 39.22 -12.93
N LYS A 65 9.94 39.64 -13.53
CA LYS A 65 9.92 40.25 -14.86
C LYS A 65 10.59 39.37 -15.90
N ASP A 66 10.80 38.09 -15.58
CA ASP A 66 11.37 37.16 -16.55
C ASP A 66 10.27 36.39 -17.25
N ASN A 67 10.01 36.73 -18.50
CA ASN A 67 8.86 36.17 -19.21
C ASN A 67 9.14 34.77 -19.73
N VAL A 68 10.42 34.49 -19.97
CA VAL A 68 10.87 33.13 -20.29
C VAL A 68 10.68 32.20 -19.10
N TYR A 69 10.71 32.76 -17.90
CA TYR A 69 10.73 31.95 -16.69
C TYR A 69 9.28 31.66 -16.27
N ARG A 70 8.39 32.61 -16.57
CA ARG A 70 6.98 32.44 -16.29
C ARG A 70 6.35 31.41 -17.22
N GLN A 71 6.92 31.25 -18.40
CA GLN A 71 6.44 30.22 -19.32
C GLN A 71 6.71 28.85 -18.75
N ARG A 72 7.93 28.66 -18.24
CA ARG A 72 8.28 27.44 -17.54
C ARG A 72 7.43 27.24 -16.28
N ARG A 73 7.24 28.32 -15.52
CA ARG A 73 6.49 28.23 -14.28
C ARG A 73 5.05 27.84 -14.55
N LYS A 74 4.50 28.34 -15.66
CA LYS A 74 3.10 28.05 -16.01
C LYS A 74 2.99 26.72 -16.72
N TYR A 75 4.10 26.25 -17.31
CA TYR A 75 4.14 24.92 -17.88
C TYR A 75 4.14 23.85 -16.78
N PHE A 76 4.91 24.09 -15.72
CA PHE A 76 4.94 23.20 -14.58
C PHE A 76 3.59 23.16 -13.86
N VAL A 77 2.93 24.31 -13.76
CA VAL A 77 1.62 24.37 -13.13
C VAL A 77 0.65 23.51 -13.92
N ASP A 78 0.74 23.60 -15.24
CA ASP A 78 -0.11 22.81 -16.13
C ASP A 78 0.12 21.32 -15.96
N VAL A 79 1.39 20.91 -15.90
CA VAL A 79 1.72 19.50 -15.69
C VAL A 79 1.09 19.00 -14.42
N ALA A 80 1.25 19.78 -13.35
CA ALA A 80 0.72 19.42 -12.03
C ALA A 80 -0.81 19.39 -12.00
N MET A 81 -1.44 20.39 -12.60
CA MET A 81 -2.89 20.45 -12.67
C MET A 81 -3.49 19.28 -13.43
N GLY A 82 -2.72 18.75 -14.38
CA GLY A 82 -3.24 17.65 -15.18
C GLY A 82 -3.08 16.32 -14.45
N TYR A 83 -2.29 16.31 -13.38
CA TYR A 83 -2.08 15.06 -12.65
C TYR A 83 -3.38 14.55 -12.03
N LYS A 84 -3.56 13.24 -12.15
CA LYS A 84 -4.73 12.53 -11.63
C LYS A 84 -4.31 11.21 -11.01
N TYR A 85 -5.12 10.68 -10.08
CA TYR A 85 -4.78 9.42 -9.44
C TYR A 85 -4.75 8.23 -10.40
N GLY A 86 -3.78 7.35 -10.22
CA GLY A 86 -3.63 6.18 -11.07
C GLY A 86 -2.88 6.42 -12.37
N GLN A 87 -2.30 7.59 -12.51
CA GLN A 87 -1.54 7.94 -13.72
C GLN A 87 -0.09 8.23 -13.35
N PRO A 88 0.85 7.70 -14.12
CA PRO A 88 2.28 7.93 -13.83
C PRO A 88 2.57 9.43 -13.76
N ILE A 89 3.46 9.81 -12.83
CA ILE A 89 3.88 11.20 -12.73
C ILE A 89 4.62 11.61 -13.98
N PRO A 90 4.12 12.65 -14.66
CA PRO A 90 4.70 13.06 -15.95
C PRO A 90 6.19 13.33 -15.84
N ARG A 91 6.95 12.89 -16.83
CA ARG A 91 8.35 13.22 -16.90
C ARG A 91 8.51 14.57 -17.58
N VAL A 92 9.47 15.36 -17.13
CA VAL A 92 9.65 16.70 -17.67
C VAL A 92 11.06 16.87 -18.19
N GLU A 93 11.19 17.51 -19.35
CA GLU A 93 12.51 17.76 -19.91
C GLU A 93 12.94 19.15 -19.43
N TYR A 94 13.93 19.20 -18.55
CA TYR A 94 14.43 20.47 -18.04
C TYR A 94 15.37 21.20 -19.01
N THR A 95 15.35 22.53 -18.95
CA THR A 95 16.23 23.37 -19.75
C THR A 95 17.66 23.35 -19.21
N GLU A 96 18.60 23.81 -20.03
CA GLU A 96 20.01 23.85 -19.63
C GLU A 96 20.25 24.78 -18.44
N GLU A 97 19.55 25.90 -18.36
CA GLU A 97 19.82 26.82 -17.26
C GLU A 97 19.07 26.37 -16.02
N GLU A 98 18.17 25.40 -16.18
CA GLU A 98 17.56 24.77 -15.02
C GLU A 98 18.45 23.64 -14.51
N THR A 99 19.07 22.94 -15.45
CA THR A 99 19.98 21.85 -15.09
C THR A 99 21.28 22.29 -14.43
N LYS A 100 21.78 23.47 -14.79
CA LYS A 100 22.97 23.97 -14.09
C LYS A 100 22.61 24.58 -12.75
N THR A 101 21.48 25.30 -12.71
CA THR A 101 21.02 25.88 -11.46
C THR A 101 20.88 24.76 -10.45
N TRP A 102 20.31 23.63 -10.90
CA TRP A 102 20.29 22.42 -10.10
C TRP A 102 21.72 22.02 -9.72
N GLY A 103 22.59 21.99 -10.72
CA GLY A 103 23.98 21.61 -10.52
C GLY A 103 24.68 22.47 -9.49
N VAL A 104 24.43 23.77 -9.56
CA VAL A 104 25.02 24.73 -8.63
C VAL A 104 24.64 24.40 -7.19
N VAL A 105 23.34 24.27 -6.95
CA VAL A 105 22.81 23.92 -5.63
C VAL A 105 23.36 22.57 -5.22
N PHE A 106 23.45 21.67 -6.18
CA PHE A 106 23.93 20.30 -5.95
C PHE A 106 25.37 20.26 -5.42
N ARG A 107 26.28 21.05 -5.99
CA ARG A 107 27.67 20.95 -5.53
C ARG A 107 27.91 21.64 -4.19
N GLU A 108 27.34 22.82 -4.00
CA GLU A 108 27.58 23.57 -2.76
C GLU A 108 27.07 22.83 -1.54
N LEU A 109 25.94 22.14 -1.69
CA LEU A 109 25.32 21.45 -0.57
C LEU A 109 26.03 20.13 -0.30
N SER A 110 26.53 19.48 -1.36
CA SER A 110 27.27 18.24 -1.21
C SER A 110 28.56 18.48 -0.42
N LYS A 111 29.03 19.72 -0.44
CA LYS A 111 30.25 20.08 0.28
C LYS A 111 29.99 20.17 1.79
N LEU A 112 28.73 20.15 2.20
CA LEU A 112 28.41 20.31 3.61
C LEU A 112 27.61 19.16 4.19
N TYR A 113 27.07 18.30 3.32
CA TYR A 113 26.33 17.12 3.77
C TYR A 113 27.08 16.13 4.66
N PRO A 114 28.36 15.82 4.35
CA PRO A 114 29.06 14.87 5.23
C PRO A 114 29.14 15.34 6.67
N THR A 115 29.26 16.65 6.85
CA THR A 115 29.46 17.25 8.17
C THR A 115 28.21 17.89 8.79
N HIS A 116 27.19 18.17 7.98
CA HIS A 116 26.01 18.87 8.50
C HIS A 116 24.73 18.04 8.48
N ALA A 117 24.72 16.99 7.66
CA ALA A 117 23.54 16.14 7.52
C ALA A 117 23.54 14.95 8.48
N CYS A 118 22.32 14.50 8.80
CA CYS A 118 22.06 13.34 9.65
C CYS A 118 22.50 12.03 9.02
N ARG A 119 22.57 10.96 9.82
CA ARG A 119 23.02 9.67 9.33
C ARG A 119 22.12 9.14 8.22
N GLU A 120 20.83 9.35 8.43
CA GLU A 120 19.80 8.92 7.50
C GLU A 120 19.93 9.54 6.11
N TYR A 121 20.27 10.82 6.08
CA TYR A 121 20.52 11.51 4.83
C TYR A 121 21.71 10.93 4.08
N LEU A 122 22.83 10.80 4.78
CA LEU A 122 24.08 10.40 4.16
C LEU A 122 24.04 8.96 3.68
N LYS A 123 23.15 8.16 4.27
CA LYS A 123 23.00 6.78 3.86
C LYS A 123 22.16 6.66 2.59
N ASN A 124 21.06 7.41 2.54
CA ASN A 124 20.15 7.36 1.40
C ASN A 124 20.58 8.16 0.18
N PHE A 125 21.43 9.15 0.37
CA PHE A 125 21.81 10.05 -0.73
C PHE A 125 22.59 9.31 -1.85
N PRO A 126 23.56 8.45 -1.49
CA PRO A 126 24.24 7.70 -2.56
C PRO A 126 23.30 6.76 -3.30
N LEU A 127 22.31 6.26 -2.59
CA LEU A 127 21.26 5.43 -3.19
C LEU A 127 20.48 6.20 -4.25
N LEU A 128 20.28 7.49 -4.01
CA LEU A 128 19.52 8.29 -4.96
C LEU A 128 20.35 8.52 -6.22
N THR A 129 21.66 8.61 -6.07
CA THR A 129 22.55 8.77 -7.21
C THR A 129 22.50 7.55 -8.12
N LYS A 130 22.47 6.37 -7.52
CA LYS A 130 22.40 5.12 -8.26
C LYS A 130 21.07 4.83 -8.95
N TYR A 131 19.96 5.21 -8.33
CA TYR A 131 18.65 4.79 -8.84
C TYR A 131 17.76 5.93 -9.33
N CYS A 132 18.00 7.15 -8.84
CA CYS A 132 17.14 8.27 -9.21
C CYS A 132 17.85 9.31 -10.03
N GLY A 133 19.09 9.02 -10.44
CA GLY A 133 19.84 9.93 -11.28
C GLY A 133 20.26 11.20 -10.58
N TYR A 134 20.61 11.11 -9.30
CA TYR A 134 21.13 12.27 -8.59
C TYR A 134 22.57 12.53 -9.03
N ARG A 135 22.71 13.29 -10.12
CA ARG A 135 24.01 13.67 -10.67
C ARG A 135 23.99 15.15 -10.93
N GLU A 136 25.15 15.80 -10.85
CA GLU A 136 25.21 17.24 -11.06
C GLU A 136 24.63 17.65 -12.41
N ASP A 137 24.83 16.81 -13.42
CA ASP A 137 24.41 17.13 -14.78
C ASP A 137 23.00 16.63 -15.12
N ASN A 138 22.27 16.16 -14.11
CA ASN A 138 20.95 15.59 -14.36
C ASN A 138 19.93 15.89 -13.27
N VAL A 139 18.81 16.51 -13.66
CA VAL A 139 17.71 16.72 -12.72
C VAL A 139 16.83 15.47 -12.67
N PRO A 140 16.68 14.90 -11.47
CA PRO A 140 15.86 13.70 -11.23
C PRO A 140 14.38 13.92 -11.57
N GLN A 141 13.71 12.87 -12.02
CA GLN A 141 12.29 12.94 -12.32
C GLN A 141 11.45 12.43 -11.14
N LEU A 142 10.32 13.10 -10.87
CA LEU A 142 9.50 12.78 -9.71
C LEU A 142 9.00 11.34 -9.76
N GLU A 143 8.72 10.84 -10.97
CA GLU A 143 8.23 9.48 -11.15
C GLU A 143 9.25 8.45 -10.66
N ASP A 144 10.53 8.71 -10.92
CA ASP A 144 11.62 7.87 -10.44
C ASP A 144 11.65 7.90 -8.93
N VAL A 145 11.65 9.11 -8.39
CA VAL A 145 11.75 9.33 -6.96
C VAL A 145 10.58 8.69 -6.24
N SER A 146 9.40 8.77 -6.83
CA SER A 146 8.21 8.16 -6.27
C SER A 146 8.33 6.64 -6.15
N MET A 147 8.83 6.00 -7.20
CA MET A 147 8.91 4.54 -7.21
C MET A 147 9.99 4.07 -6.25
N PHE A 148 11.01 4.91 -6.08
CA PHE A 148 12.08 4.66 -5.13
C PHE A 148 11.59 4.74 -3.69
N LEU A 149 10.79 5.76 -3.40
CA LEU A 149 10.31 5.97 -2.05
C LEU A 149 9.31 4.90 -1.64
N LYS A 150 8.48 4.47 -2.60
CA LYS A 150 7.45 3.47 -2.33
C LYS A 150 8.10 2.17 -1.88
N GLU A 151 9.20 1.80 -2.53
CA GLU A 151 9.93 0.58 -2.21
C GLU A 151 10.65 0.66 -0.86
N ARG A 152 11.21 1.82 -0.54
CA ARG A 152 11.91 2.00 0.74
C ARG A 152 11.07 2.35 1.98
N SER A 153 10.04 3.17 1.82
CA SER A 153 9.27 3.60 2.99
C SER A 153 7.77 3.77 2.77
N GLY A 154 7.31 3.56 1.54
CA GLY A 154 5.88 3.65 1.27
C GLY A 154 5.43 5.06 0.93
N PHE A 155 6.38 5.99 0.81
CA PHE A 155 6.02 7.32 0.34
C PHE A 155 5.98 7.37 -1.17
N THR A 156 5.17 8.28 -1.68
CA THR A 156 5.04 8.56 -3.12
C THR A 156 4.92 10.07 -3.24
N VAL A 157 5.50 10.65 -4.30
CA VAL A 157 5.41 12.09 -4.47
C VAL A 157 4.30 12.49 -5.45
N ARG A 158 3.74 13.67 -5.24
CA ARG A 158 2.79 14.26 -6.18
C ARG A 158 3.26 15.64 -6.64
N PRO A 159 3.23 15.85 -7.96
CA PRO A 159 3.46 17.22 -8.44
C PRO A 159 2.30 18.12 -8.05
N VAL A 160 2.62 19.25 -7.43
CA VAL A 160 1.57 20.12 -6.92
C VAL A 160 1.65 21.46 -7.68
N ALA A 161 0.51 22.04 -8.00
CA ALA A 161 0.51 23.25 -8.82
C ALA A 161 0.69 24.52 -8.00
N GLY A 162 0.87 24.37 -6.69
CA GLY A 162 1.06 25.52 -5.83
C GLY A 162 0.80 25.30 -4.35
N TYR A 163 0.62 26.40 -3.64
CA TYR A 163 0.39 26.37 -2.21
C TYR A 163 -0.98 25.77 -1.85
N LEU A 164 -1.00 24.94 -0.83
CA LEU A 164 -2.24 24.33 -0.36
C LEU A 164 -2.57 24.84 1.04
N SER A 165 -3.83 24.74 1.45
CA SER A 165 -4.17 25.01 2.83
C SER A 165 -3.38 24.01 3.66
N PRO A 166 -2.95 24.40 4.87
CA PRO A 166 -2.24 23.43 5.71
C PRO A 166 -3.06 22.16 5.96
N ARG A 167 -4.39 22.28 5.97
CA ARG A 167 -5.25 21.12 6.08
C ARG A 167 -5.03 20.17 4.90
N ASP A 168 -5.07 20.73 3.69
CA ASP A 168 -4.90 19.96 2.48
C ASP A 168 -3.50 19.37 2.33
N PHE A 169 -2.49 20.16 2.67
CA PHE A 169 -1.11 19.69 2.58
C PHE A 169 -0.82 18.56 3.56
N LEU A 170 -1.21 18.74 4.82
CA LEU A 170 -0.99 17.73 5.84
C LEU A 170 -1.82 16.48 5.57
N ALA A 171 -2.94 16.65 4.88
CA ALA A 171 -3.80 15.51 4.56
C ALA A 171 -3.04 14.50 3.71
N GLY A 172 -2.18 15.00 2.84
CA GLY A 172 -1.35 14.15 2.01
C GLY A 172 -0.43 13.26 2.83
N LEU A 173 0.10 13.82 3.90
CA LEU A 173 1.05 13.10 4.76
C LEU A 173 0.40 11.86 5.38
N ALA A 174 -0.88 11.98 5.70
CA ALA A 174 -1.63 10.87 6.29
C ALA A 174 -1.62 9.64 5.39
N TYR A 175 -1.45 9.86 4.08
CA TYR A 175 -1.40 8.77 3.12
C TYR A 175 0.03 8.49 2.68
N ARG A 176 0.99 9.09 3.40
CA ARG A 176 2.39 9.07 3.02
C ARG A 176 2.57 9.57 1.60
N VAL A 177 1.90 10.68 1.29
CA VAL A 177 2.05 11.35 0.01
C VAL A 177 2.57 12.76 0.21
N PHE A 178 3.73 13.03 -0.37
CA PHE A 178 4.34 14.35 -0.28
C PHE A 178 4.13 15.10 -1.59
N HIS A 179 3.59 16.31 -1.47
CA HIS A 179 3.36 17.17 -2.63
C HIS A 179 4.62 17.94 -2.98
N CYS A 180 5.05 17.82 -4.23
CA CYS A 180 6.33 18.38 -4.66
C CYS A 180 6.16 19.40 -5.78
N THR A 181 6.92 20.49 -5.69
CA THR A 181 7.04 21.40 -6.81
C THR A 181 7.98 20.77 -7.81
N GLN A 182 7.76 21.04 -9.08
CA GLN A 182 8.49 20.38 -10.16
C GLN A 182 9.35 21.39 -10.92
N TYR A 183 9.17 22.67 -10.60
CA TYR A 183 9.93 23.75 -11.20
C TYR A 183 11.26 24.02 -10.49
N ILE A 184 12.18 24.63 -11.22
CA ILE A 184 13.49 25.03 -10.72
C ILE A 184 13.46 26.51 -10.35
N ARG A 185 14.20 26.86 -9.29
CA ARG A 185 14.30 28.24 -8.84
C ARG A 185 14.90 29.11 -9.94
N HIS A 186 14.89 30.43 -9.73
CA HIS A 186 15.45 31.31 -10.75
C HIS A 186 16.96 31.16 -10.75
N GLY A 187 17.55 31.25 -11.94
CA GLY A 187 18.99 31.11 -12.09
C GLY A 187 19.81 32.31 -11.63
N SER A 188 19.13 33.43 -11.40
CA SER A 188 19.79 34.64 -10.95
C SER A 188 20.50 34.45 -9.62
N ASP A 189 19.82 33.78 -8.70
CA ASP A 189 20.39 33.52 -7.37
C ASP A 189 19.97 32.12 -6.94
N PRO A 190 20.72 31.10 -7.39
CA PRO A 190 20.41 29.70 -7.09
C PRO A 190 20.69 29.27 -5.65
N LEU A 191 21.45 30.06 -4.90
CA LEU A 191 21.76 29.70 -3.52
C LEU A 191 20.63 30.02 -2.55
N TYR A 192 19.73 30.91 -2.94
CA TYR A 192 18.64 31.28 -2.04
C TYR A 192 17.31 31.46 -2.75
N THR A 193 16.29 30.79 -2.22
CA THR A 193 14.94 30.88 -2.74
C THR A 193 14.00 30.97 -1.55
N PRO A 194 12.98 31.84 -1.64
CA PRO A 194 12.00 31.97 -0.57
C PRO A 194 10.81 31.05 -0.77
N GLU A 195 10.84 30.28 -1.85
CA GLU A 195 9.76 29.36 -2.15
C GLU A 195 10.30 27.96 -2.45
N PRO A 196 9.44 26.95 -2.32
CA PRO A 196 9.88 25.59 -2.59
C PRO A 196 10.08 25.37 -4.09
N ASP A 197 11.15 24.69 -4.47
CA ASP A 197 11.38 24.36 -5.87
C ASP A 197 11.78 22.90 -5.90
N THR A 198 11.86 22.29 -7.08
CA THR A 198 12.15 20.86 -7.17
C THR A 198 13.48 20.57 -6.46
N CYS A 199 14.44 21.49 -6.55
CA CYS A 199 15.75 21.31 -5.93
C CYS A 199 15.56 21.03 -4.44
N HIS A 200 14.73 21.86 -3.81
CA HIS A 200 14.41 21.74 -2.40
C HIS A 200 13.74 20.40 -2.10
N GLU A 201 12.79 20.02 -2.95
CA GLU A 201 12.06 18.77 -2.75
C GLU A 201 13.02 17.58 -2.83
N LEU A 202 13.89 17.60 -3.84
CA LEU A 202 14.75 16.45 -4.12
C LEU A 202 15.96 16.33 -3.20
N LEU A 203 16.56 17.45 -2.83
CA LEU A 203 17.76 17.43 -2.01
C LEU A 203 17.44 17.60 -0.53
N GLY A 204 16.30 18.25 -0.23
CA GLY A 204 15.89 18.47 1.14
C GLY A 204 14.99 17.41 1.74
N HIS A 205 13.92 17.08 1.03
CA HIS A 205 12.89 16.20 1.60
C HIS A 205 13.13 14.72 1.32
N VAL A 206 13.33 14.39 0.05
CA VAL A 206 13.36 13.00 -0.41
C VAL A 206 14.35 12.07 0.30
N PRO A 207 15.60 12.52 0.57
CA PRO A 207 16.50 11.59 1.26
C PRO A 207 16.01 11.15 2.63
N LEU A 208 15.25 12.00 3.30
CA LEU A 208 14.70 11.66 4.61
C LEU A 208 13.39 10.89 4.53
N LEU A 209 12.59 11.17 3.51
CA LEU A 209 11.36 10.42 3.28
C LEU A 209 11.64 8.95 2.97
N ALA A 210 12.90 8.65 2.62
CA ALA A 210 13.30 7.28 2.31
C ALA A 210 13.54 6.46 3.58
N ASP A 211 13.55 7.12 4.72
CA ASP A 211 13.77 6.45 6.00
C ASP A 211 12.42 6.02 6.58
N PRO A 212 12.27 4.72 6.85
CA PRO A 212 10.98 4.21 7.33
C PRO A 212 10.53 4.86 8.62
N LYS A 213 11.46 5.08 9.54
CA LYS A 213 11.15 5.71 10.81
C LYS A 213 10.71 7.15 10.61
N PHE A 214 11.40 7.85 9.73
CA PHE A 214 11.05 9.22 9.41
C PHE A 214 9.68 9.30 8.73
N ALA A 215 9.41 8.32 7.86
CA ALA A 215 8.14 8.27 7.13
C ALA A 215 6.96 8.13 8.09
N GLN A 216 7.13 7.30 9.11
CA GLN A 216 6.08 7.08 10.11
C GLN A 216 5.82 8.37 10.86
N PHE A 217 6.90 9.08 11.16
CA PHE A 217 6.83 10.36 11.86
C PHE A 217 6.05 11.37 11.02
N SER A 218 6.32 11.41 9.73
CA SER A 218 5.60 12.34 8.85
C SER A 218 4.12 12.01 8.77
N GLN A 219 3.82 10.72 8.66
CA GLN A 219 2.45 10.26 8.56
C GLN A 219 1.65 10.58 9.82
N GLU A 220 2.31 10.50 10.97
CA GLU A 220 1.67 10.82 12.24
C GLU A 220 1.17 12.25 12.30
N ILE A 221 1.93 13.16 11.72
CA ILE A 221 1.51 14.56 11.68
C ILE A 221 0.25 14.68 10.83
N GLY A 222 0.27 14.02 9.67
CA GLY A 222 -0.88 14.01 8.79
C GLY A 222 -2.12 13.44 9.45
N LEU A 223 -1.97 12.28 10.08
CA LEU A 223 -3.09 11.57 10.68
C LEU A 223 -3.75 12.45 11.74
N ALA A 224 -2.90 13.17 12.47
CA ALA A 224 -3.34 14.05 13.54
C ALA A 224 -4.23 15.18 13.01
N SER A 225 -3.97 15.62 11.78
CA SER A 225 -4.70 16.76 11.24
C SER A 225 -6.11 16.39 10.77
N LEU A 226 -6.30 15.12 10.43
CA LEU A 226 -7.53 14.68 9.79
C LEU A 226 -8.77 14.99 10.65
N GLY A 227 -9.59 15.92 10.16
CA GLY A 227 -10.79 16.32 10.87
C GLY A 227 -10.54 17.20 12.08
N ALA A 228 -9.33 17.70 12.23
CA ALA A 228 -9.00 18.59 13.34
C ALA A 228 -9.48 20.01 13.08
N SER A 229 -9.58 20.81 14.14
CA SER A 229 -9.90 22.23 14.01
C SER A 229 -8.78 23.00 13.30
N ASP A 230 -9.12 24.16 12.75
CA ASP A 230 -8.15 25.00 12.06
C ASP A 230 -6.98 25.38 12.97
N GLU A 231 -7.29 25.66 14.23
CA GLU A 231 -6.28 26.02 15.21
C GLU A 231 -5.30 24.89 15.44
N ASP A 232 -5.81 23.66 15.52
CA ASP A 232 -4.97 22.49 15.70
C ASP A 232 -4.15 22.20 14.45
N VAL A 233 -4.76 22.39 13.28
CA VAL A 233 -4.05 22.17 12.02
C VAL A 233 -2.85 23.11 11.93
N GLN A 234 -3.05 24.37 12.32
CA GLN A 234 -1.97 25.35 12.28
C GLN A 234 -0.84 24.94 13.20
N LYS A 235 -1.20 24.44 14.39
CA LYS A 235 -0.18 23.98 15.33
C LYS A 235 0.59 22.80 14.75
N LEU A 236 -0.12 21.89 14.10
CA LEU A 236 0.54 20.76 13.46
C LEU A 236 1.43 21.25 12.33
N ALA A 237 0.94 22.25 11.59
CA ALA A 237 1.70 22.84 10.50
C ALA A 237 2.96 23.49 11.04
N THR A 238 2.84 24.11 12.21
CA THR A 238 3.98 24.68 12.91
C THR A 238 4.98 23.60 13.31
N CYS A 239 4.46 22.49 13.83
CA CYS A 239 5.30 21.35 14.17
C CYS A 239 6.00 20.82 12.93
N TYR A 240 5.26 20.75 11.82
CA TYR A 240 5.83 20.31 10.56
C TYR A 240 7.00 21.20 10.18
N PHE A 241 6.77 22.51 10.31
CA PHE A 241 7.75 23.51 9.94
C PHE A 241 9.04 23.29 10.72
N PHE A 242 8.93 23.28 12.05
CA PHE A 242 10.11 23.20 12.90
C PHE A 242 10.71 21.80 13.01
N THR A 243 10.08 20.82 12.37
CA THR A 243 10.64 19.47 12.35
C THR A 243 11.07 19.09 10.95
N ILE A 244 10.09 18.92 10.07
CA ILE A 244 10.33 18.41 8.73
C ILE A 244 11.17 19.42 7.94
N GLU A 245 10.78 20.68 8.03
CA GLU A 245 11.49 21.72 7.29
C GLU A 245 12.75 22.24 7.99
N PHE A 246 12.74 22.29 9.32
CA PHE A 246 13.86 22.92 10.03
C PHE A 246 14.30 22.21 11.30
N GLY A 247 14.10 20.89 11.36
CA GLY A 247 14.50 20.14 12.54
C GLY A 247 15.96 19.75 12.52
N LEU A 248 16.57 19.70 13.70
CA LEU A 248 17.92 19.17 13.88
C LEU A 248 17.80 17.85 14.63
N CYS A 249 18.84 17.02 14.58
CA CYS A 249 18.81 15.79 15.34
C CYS A 249 20.17 15.49 15.96
N LYS A 250 20.15 14.90 17.14
CA LYS A 250 21.36 14.60 17.87
C LYS A 250 21.71 13.14 17.66
N GLN A 251 22.88 12.90 17.07
CA GLN A 251 23.38 11.56 16.84
C GLN A 251 24.81 11.45 17.34
N GLU A 252 25.04 10.49 18.24
CA GLU A 252 26.36 10.22 18.80
C GLU A 252 26.99 11.47 19.42
N GLY A 253 26.17 12.26 20.11
CA GLY A 253 26.65 13.49 20.73
C GLY A 253 26.93 14.67 19.82
N GLN A 254 26.38 14.65 18.61
CA GLN A 254 26.62 15.74 17.66
C GLN A 254 25.31 16.22 17.05
N LEU A 255 25.28 17.49 16.65
CA LEU A 255 24.08 18.08 16.07
C LEU A 255 24.12 18.03 14.55
N ARG A 256 23.14 17.36 13.95
CA ARG A 256 23.06 17.29 12.50
C ARG A 256 21.67 17.76 12.06
N ALA A 257 21.58 18.31 10.85
CA ALA A 257 20.30 18.80 10.37
C ALA A 257 19.56 17.74 9.58
N TYR A 258 18.25 17.65 9.81
CA TYR A 258 17.40 16.81 8.97
C TYR A 258 16.28 17.67 8.40
N GLY A 259 16.19 18.92 8.85
CA GLY A 259 15.17 19.81 8.33
C GLY A 259 15.43 20.05 6.86
N ALA A 260 14.41 19.84 6.04
CA ALA A 260 14.54 19.93 4.59
C ALA A 260 14.90 21.35 4.14
N GLY A 261 14.35 22.34 4.84
CA GLY A 261 14.66 23.73 4.57
C GLY A 261 16.10 24.06 4.90
N LEU A 262 16.64 23.38 5.91
CA LEU A 262 18.04 23.53 6.28
C LEU A 262 18.95 22.91 5.23
N LEU A 263 18.57 21.72 4.78
CA LEU A 263 19.36 20.96 3.81
C LEU A 263 19.32 21.56 2.40
N SER A 264 18.48 22.57 2.18
CA SER A 264 18.41 23.23 0.88
C SER A 264 18.87 24.70 0.93
N SER A 265 19.22 25.16 2.12
CA SER A 265 19.71 26.53 2.30
C SER A 265 21.05 26.45 3.00
N ILE A 266 22.13 26.74 2.27
CA ILE A 266 23.45 26.67 2.84
C ILE A 266 23.65 27.70 3.95
N GLY A 267 23.12 28.90 3.77
CA GLY A 267 23.33 29.94 4.76
C GLY A 267 22.71 29.55 6.08
N GLU A 268 21.48 29.05 6.02
CA GLU A 268 20.77 28.60 7.22
C GLU A 268 21.40 27.33 7.79
N LEU A 269 21.82 26.42 6.90
CA LEU A 269 22.38 25.15 7.32
C LEU A 269 23.62 25.33 8.17
N LYS A 270 24.51 26.22 7.73
CA LYS A 270 25.72 26.51 8.47
C LYS A 270 25.40 27.18 9.79
N HIS A 271 24.45 28.12 9.75
CA HIS A 271 24.03 28.84 10.96
C HIS A 271 23.37 27.95 12.00
N ALA A 272 22.59 26.97 11.54
CA ALA A 272 21.86 26.11 12.48
C ALA A 272 22.81 25.34 13.40
N LEU A 273 23.91 24.86 12.84
CA LEU A 273 24.89 24.12 13.62
C LEU A 273 26.00 25.03 14.17
N SER A 274 25.87 26.34 13.94
CA SER A 274 26.84 27.32 14.41
C SER A 274 26.80 27.48 15.93
N ASP A 275 27.92 27.89 16.52
CA ASP A 275 28.00 28.01 17.98
C ASP A 275 26.99 29.01 18.54
N LYS A 276 26.81 30.14 17.86
CA LYS A 276 25.84 31.14 18.31
C LYS A 276 24.46 30.92 17.72
N ALA A 277 23.82 29.84 18.16
CA ALA A 277 22.47 29.49 17.72
C ALA A 277 21.64 29.04 18.92
N CYS A 278 20.37 29.45 18.98
CA CYS A 278 19.54 29.02 20.09
C CYS A 278 18.92 27.69 19.66
N VAL A 279 19.22 26.65 20.42
CA VAL A 279 18.74 25.31 20.09
C VAL A 279 18.02 24.64 21.26
N LYS A 280 16.79 24.20 21.01
CA LYS A 280 15.95 23.65 22.08
C LYS A 280 15.48 22.25 21.69
N ALA A 281 15.10 21.46 22.68
CA ALA A 281 14.59 20.11 22.44
C ALA A 281 13.20 20.14 21.83
N PHE A 282 12.92 19.18 20.96
CA PHE A 282 11.63 19.12 20.30
C PHE A 282 10.56 18.54 21.20
N ASP A 283 9.59 19.39 21.54
CA ASP A 283 8.42 18.95 22.28
C ASP A 283 7.18 19.55 21.59
N PRO A 284 6.24 18.70 21.16
CA PRO A 284 5.10 19.09 20.32
C PRO A 284 4.25 20.21 20.91
N LYS A 285 3.93 20.07 22.19
CA LYS A 285 3.12 21.04 22.93
C LYS A 285 3.82 22.41 23.06
N THR A 286 5.12 22.40 23.31
CA THR A 286 5.89 23.63 23.47
C THR A 286 6.08 24.26 22.08
N THR A 287 6.84 23.56 21.24
CA THR A 287 7.20 23.98 19.88
C THR A 287 6.08 24.56 19.02
N CYS A 288 4.93 23.89 18.98
CA CYS A 288 3.80 24.29 18.15
C CYS A 288 3.23 25.70 18.36
N LEU A 289 3.54 26.33 19.49
CA LEU A 289 3.00 27.67 19.74
C LEU A 289 3.85 28.79 19.14
N GLN A 290 5.09 28.48 18.81
CA GLN A 290 6.02 29.44 18.22
C GLN A 290 5.65 29.88 16.79
N GLU A 291 6.14 31.06 16.40
CA GLU A 291 5.93 31.64 15.06
C GLU A 291 6.99 31.18 14.07
N CYS A 292 6.59 31.01 12.81
CA CYS A 292 7.52 30.58 11.76
C CYS A 292 7.94 31.76 10.90
N LEU A 293 9.25 31.96 10.77
CA LEU A 293 9.80 33.07 9.99
C LEU A 293 10.16 32.66 8.56
N ILE A 294 9.47 33.23 7.58
CA ILE A 294 9.78 32.96 6.17
C ILE A 294 11.11 33.54 5.70
N THR A 295 11.41 34.77 6.13
CA THR A 295 12.62 35.47 5.67
C THR A 295 13.90 35.33 6.51
N THR A 296 13.85 35.85 7.73
CA THR A 296 15.02 35.83 8.62
C THR A 296 15.26 34.43 9.21
N PHE A 297 16.48 34.18 9.67
CA PHE A 297 16.82 32.90 10.27
C PHE A 297 15.98 32.73 11.54
N GLN A 298 15.57 31.50 11.80
CA GLN A 298 14.68 31.17 12.91
C GLN A 298 15.30 31.45 14.29
N GLU A 299 14.48 31.90 15.24
CA GLU A 299 14.97 32.19 16.59
C GLU A 299 15.53 30.94 17.23
N ALA A 300 14.83 29.82 17.07
CA ALA A 300 15.32 28.57 17.62
C ALA A 300 15.08 27.40 16.69
N TYR A 301 15.90 26.39 16.85
CA TYR A 301 15.84 25.17 16.06
C TYR A 301 15.61 24.00 17.01
N PHE A 302 14.71 23.10 16.65
CA PHE A 302 14.37 22.01 17.54
C PHE A 302 15.06 20.70 17.18
N VAL A 303 15.51 19.99 18.21
CA VAL A 303 16.26 18.75 18.03
C VAL A 303 15.56 17.52 18.58
N SER A 304 15.57 16.46 17.79
CA SER A 304 14.95 15.20 18.14
C SER A 304 16.06 14.16 18.28
N GLU A 305 15.97 13.33 19.32
CA GLU A 305 16.97 12.28 19.54
C GLU A 305 16.91 11.30 18.38
N SER A 306 15.69 10.95 17.97
CA SER A 306 15.46 10.04 16.87
C SER A 306 14.07 10.30 16.31
N PHE A 307 13.81 9.78 15.11
CA PHE A 307 12.50 9.93 14.50
C PHE A 307 11.46 9.04 15.17
N GLU A 308 11.89 7.91 15.72
CA GLU A 308 10.99 7.05 16.48
C GLU A 308 10.57 7.81 17.73
N GLU A 309 11.55 8.49 18.30
CA GLU A 309 11.40 9.32 19.49
C GLU A 309 10.47 10.51 19.22
N ALA A 310 10.67 11.19 18.09
CA ALA A 310 9.80 12.29 17.67
C ALA A 310 8.39 11.83 17.28
N LYS A 311 8.31 10.67 16.65
CA LYS A 311 7.05 10.06 16.22
C LYS A 311 6.13 9.75 17.38
N GLU A 312 6.71 9.32 18.50
CA GLU A 312 5.93 9.00 19.67
C GLU A 312 5.50 10.27 20.43
N LYS A 313 6.28 11.33 20.32
CA LYS A 313 5.85 12.62 20.87
C LYS A 313 4.71 13.23 20.06
N MET A 314 4.68 12.91 18.76
CA MET A 314 3.57 13.32 17.92
C MET A 314 2.32 12.55 18.28
N ARG A 315 2.48 11.26 18.58
CA ARG A 315 1.33 10.40 18.79
C ARG A 315 0.69 10.71 20.14
N ASP A 316 1.49 11.17 21.10
CA ASP A 316 0.93 11.66 22.35
C ASP A 316 0.34 13.07 22.22
N PHE A 317 0.87 13.85 21.30
CA PHE A 317 0.28 15.16 20.99
C PHE A 317 -1.06 14.96 20.30
N ALA A 318 -1.16 13.90 19.51
CA ALA A 318 -2.35 13.60 18.72
C ALA A 318 -3.55 13.28 19.60
N LYS A 319 -3.30 12.78 20.81
CA LYS A 319 -4.35 12.48 21.76
C LYS A 319 -5.04 13.76 22.24
N SER A 320 -4.22 14.77 22.52
CA SER A 320 -4.71 16.07 22.97
C SER A 320 -5.53 16.82 21.91
N ILE A 321 -5.35 16.46 20.65
CA ILE A 321 -6.12 17.06 19.57
C ILE A 321 -7.61 16.66 19.59
N THR A 322 -8.48 17.67 19.58
CA THR A 322 -9.92 17.47 19.66
C THR A 322 -10.56 16.97 18.35
N ARG A 323 -11.12 15.77 18.41
CA ARG A 323 -11.96 15.22 17.35
C ARG A 323 -12.75 14.06 17.93
N PRO A 324 -13.97 13.81 17.41
CA PRO A 324 -14.88 12.83 17.99
C PRO A 324 -14.45 11.37 17.82
N PHE A 325 -13.35 11.15 17.12
CA PHE A 325 -12.94 9.81 16.74
C PHE A 325 -11.43 9.72 16.72
N SER A 326 -10.90 8.49 16.68
CA SER A 326 -9.50 8.30 16.34
C SER A 326 -9.42 7.78 14.93
N VAL A 327 -8.25 7.89 14.31
CA VAL A 327 -8.10 7.40 12.95
C VAL A 327 -7.05 6.29 12.86
N TYR A 328 -7.41 5.25 12.13
CA TYR A 328 -6.49 4.16 11.84
C TYR A 328 -6.26 4.19 10.35
N PHE A 329 -5.01 4.05 9.93
CA PHE A 329 -4.73 4.07 8.51
C PHE A 329 -4.60 2.65 8.00
N ASN A 330 -5.37 2.33 6.97
CA ASN A 330 -5.36 1.00 6.38
C ASN A 330 -4.45 1.02 5.16
N PRO A 331 -3.22 0.53 5.31
CA PRO A 331 -2.26 0.56 4.19
C PRO A 331 -2.61 -0.42 3.08
N TYR A 332 -3.50 -1.36 3.36
CA TYR A 332 -3.93 -2.34 2.37
C TYR A 332 -4.88 -1.70 1.36
N THR A 333 -5.87 -0.98 1.88
CA THR A 333 -6.85 -0.31 1.05
C THR A 333 -6.53 1.16 0.85
N GLN A 334 -5.48 1.63 1.52
CA GLN A 334 -5.03 3.02 1.45
C GLN A 334 -6.17 3.97 1.75
N SER A 335 -6.85 3.71 2.86
CA SER A 335 -7.99 4.52 3.30
C SER A 335 -7.88 4.77 4.81
N ILE A 336 -8.77 5.60 5.34
CA ILE A 336 -8.74 5.90 6.76
C ILE A 336 -9.86 5.18 7.47
N GLU A 337 -9.51 4.43 8.51
CA GLU A 337 -10.51 3.82 9.38
C GLU A 337 -10.86 4.77 10.52
N ILE A 338 -12.16 4.91 10.79
CA ILE A 338 -12.61 5.72 11.91
C ILE A 338 -12.95 4.83 13.09
N LEU A 339 -12.23 5.03 14.19
CA LEU A 339 -12.49 4.25 15.41
C LEU A 339 -13.50 4.94 16.33
N LYS A 340 -14.79 4.73 16.06
CA LYS A 340 -15.86 5.35 16.86
C LYS A 340 -16.71 4.34 17.67
N ASP A 341 -16.31 3.08 17.71
CA ASP A 341 -17.10 2.08 18.43
C ASP A 341 -16.22 0.94 18.94
N THR A 342 -16.81 -0.01 19.66
CA THR A 342 -16.00 -1.10 20.18
C THR A 342 -15.69 -2.17 19.12
N ARG A 343 -16.57 -2.32 18.14
CA ARG A 343 -16.37 -3.35 17.12
C ARG A 343 -15.13 -3.10 16.27
N SER A 344 -14.92 -1.87 15.82
CA SER A 344 -13.72 -1.52 15.08
C SER A 344 -12.47 -1.51 15.95
N ILE A 345 -12.61 -1.06 17.20
CA ILE A 345 -11.49 -1.12 18.13
C ILE A 345 -11.07 -2.57 18.39
N GLU A 346 -12.04 -3.46 18.57
CA GLU A 346 -11.71 -4.86 18.81
C GLU A 346 -10.95 -5.48 17.64
N ASN A 347 -11.39 -5.22 16.41
CA ASN A 347 -10.73 -5.83 15.25
C ASN A 347 -9.28 -5.40 15.22
N VAL A 348 -9.03 -4.14 15.57
CA VAL A 348 -7.68 -3.62 15.63
C VAL A 348 -6.88 -4.41 16.65
N VAL A 349 -7.48 -4.59 17.83
CA VAL A 349 -6.85 -5.37 18.89
C VAL A 349 -6.66 -6.83 18.48
N GLN A 350 -7.65 -7.40 17.80
CA GLN A 350 -7.51 -8.77 17.28
C GLN A 350 -6.34 -8.86 16.30
N ASP A 351 -6.27 -7.89 15.40
CA ASP A 351 -5.14 -7.78 14.48
C ASP A 351 -3.81 -7.79 15.22
N LEU A 352 -3.72 -6.99 16.27
CA LEU A 352 -2.50 -6.90 17.08
C LEU A 352 -2.19 -8.21 17.77
N ARG A 353 -3.23 -8.95 18.15
CA ARG A 353 -3.02 -10.28 18.71
C ARG A 353 -2.42 -11.26 17.71
N SER A 354 -2.93 -11.29 16.48
CA SER A 354 -2.34 -12.14 15.44
C SER A 354 -0.89 -11.76 15.20
N ASP A 355 -0.63 -10.46 15.07
CA ASP A 355 0.73 -10.02 14.77
C ASP A 355 1.69 -10.38 15.90
N LEU A 356 1.19 -10.40 17.13
CA LEU A 356 2.00 -10.81 18.26
C LEU A 356 2.29 -12.31 18.22
N ASN A 357 1.36 -13.08 17.67
CA ASN A 357 1.59 -14.49 17.43
C ASN A 357 2.77 -14.74 16.49
N THR A 358 2.92 -13.87 15.49
CA THR A 358 4.03 -13.99 14.56
C THR A 358 5.34 -13.73 15.27
N VAL A 359 5.31 -12.77 16.19
CA VAL A 359 6.46 -12.46 17.04
C VAL A 359 6.88 -13.71 17.81
N CYS A 360 5.90 -14.44 18.34
CA CYS A 360 6.18 -15.69 19.03
C CYS A 360 6.76 -16.73 18.10
N ASP A 361 6.19 -16.85 16.90
CA ASP A 361 6.70 -17.78 15.89
C ASP A 361 8.18 -17.48 15.66
N ALA A 362 8.48 -16.20 15.48
CA ALA A 362 9.82 -15.75 15.16
C ALA A 362 10.77 -16.10 16.29
N LEU A 363 10.31 -15.92 17.53
CA LEU A 363 11.10 -16.24 18.71
C LEU A 363 11.28 -17.74 18.87
N ASN A 364 10.22 -18.49 18.60
CA ASN A 364 10.32 -19.95 18.52
C ASN A 364 11.37 -20.44 17.53
N LYS A 365 11.29 -19.94 16.30
CA LYS A 365 12.21 -20.33 15.24
C LYS A 365 13.65 -20.04 15.65
N MET A 366 13.83 -18.92 16.32
CA MET A 366 15.15 -18.46 16.73
C MET A 366 15.72 -19.38 17.82
N ASN A 367 14.87 -19.80 18.74
CA ASN A 367 15.26 -20.76 19.76
C ASN A 367 15.52 -22.12 19.11
N GLN A 368 14.62 -22.49 18.21
CA GLN A 368 14.70 -23.73 17.43
C GLN A 368 16.00 -23.88 16.65
N TYR A 369 16.47 -22.81 16.03
CA TYR A 369 17.63 -22.87 15.14
C TYR A 369 18.94 -22.45 15.77
N LEU A 370 18.88 -21.64 16.82
CA LEU A 370 20.10 -21.09 17.39
C LEU A 370 20.28 -21.50 18.86
N GLY A 371 19.28 -22.20 19.40
CA GLY A 371 19.31 -22.64 20.78
C GLY A 371 19.32 -21.48 21.76
N ILE A 372 18.55 -20.45 21.43
CA ILE A 372 18.52 -19.24 22.24
C ILE A 372 17.08 -18.73 22.38
N LEU B 30 23.32 -16.32 2.68
CA LEU B 30 22.89 -17.67 3.04
C LEU B 30 21.45 -17.83 2.58
N GLU B 31 21.19 -18.81 1.72
CA GLU B 31 19.83 -19.00 1.21
C GLU B 31 19.39 -20.44 0.88
N ASP B 32 19.75 -21.42 1.70
CA ASP B 32 19.37 -22.83 1.46
C ASP B 32 17.91 -22.99 1.02
N VAL B 33 17.03 -22.19 1.63
CA VAL B 33 15.59 -22.21 1.36
C VAL B 33 15.20 -21.78 -0.05
N PRO B 34 14.10 -22.36 -0.58
CA PRO B 34 13.62 -22.09 -1.93
C PRO B 34 13.23 -20.63 -2.08
N TRP B 35 13.62 -20.02 -3.19
CA TRP B 35 13.37 -18.61 -3.42
C TRP B 35 11.90 -18.20 -3.54
N PHE B 36 11.58 -17.09 -2.91
CA PHE B 36 10.26 -16.47 -2.98
C PHE B 36 10.47 -14.97 -3.20
N PRO B 37 9.52 -14.31 -3.87
CA PRO B 37 9.63 -12.86 -4.11
C PRO B 37 9.63 -12.04 -2.81
N ARG B 38 10.57 -11.13 -2.66
CA ARG B 38 10.69 -10.35 -1.43
C ARG B 38 10.13 -8.94 -1.62
N LYS B 39 9.85 -8.59 -2.86
CA LYS B 39 9.27 -7.29 -3.19
C LYS B 39 8.16 -7.52 -4.21
N ILE B 40 7.14 -6.67 -4.18
CA ILE B 40 6.02 -6.76 -5.09
C ILE B 40 6.49 -6.84 -6.56
N SER B 41 7.57 -6.16 -6.88
CA SER B 41 8.06 -6.11 -8.25
C SER B 41 8.67 -7.44 -8.67
N GLU B 42 9.16 -8.20 -7.68
CA GLU B 42 9.77 -9.50 -7.90
C GLU B 42 8.72 -10.57 -8.24
N LEU B 43 7.46 -10.28 -7.96
CA LEU B 43 6.36 -11.22 -8.20
C LEU B 43 6.14 -11.50 -9.70
N ASP B 44 6.68 -10.63 -10.55
CA ASP B 44 6.60 -10.85 -12.00
C ASP B 44 7.25 -12.18 -12.39
N LYS B 45 8.36 -12.50 -11.74
CA LYS B 45 9.06 -13.75 -11.99
C LYS B 45 8.18 -14.98 -11.73
N CYS B 46 7.37 -14.92 -10.68
CA CYS B 46 6.44 -15.99 -10.36
C CYS B 46 5.31 -16.16 -11.40
N SER B 47 4.74 -15.04 -11.82
CA SER B 47 3.62 -15.05 -12.76
C SER B 47 3.99 -15.66 -14.12
N HIS B 48 5.14 -15.25 -14.65
CA HIS B 48 5.61 -15.70 -15.95
C HIS B 48 6.19 -17.12 -16.00
N ARG B 49 6.50 -17.71 -14.85
CA ARG B 49 7.06 -19.05 -14.84
C ARG B 49 5.86 -19.99 -14.95
N VAL B 50 5.35 -20.13 -16.17
CA VAL B 50 4.17 -20.97 -16.39
C VAL B 50 4.57 -22.37 -16.86
N LEU B 51 4.19 -23.34 -16.05
CA LEU B 51 4.43 -24.75 -16.32
C LEU B 51 3.66 -25.27 -17.53
N MET B 52 2.46 -24.74 -17.73
CA MET B 52 1.62 -25.14 -18.86
C MET B 52 0.62 -24.08 -19.30
N TYR B 53 0.92 -23.40 -20.41
CA TYR B 53 0.05 -22.37 -20.95
C TYR B 53 -1.36 -22.91 -21.24
N GLU B 56 -2.52 -24.29 -24.85
CA GLU B 56 -2.32 -25.73 -24.75
C GLU B 56 -3.63 -26.37 -24.29
N LEU B 57 -4.15 -27.29 -25.10
CA LEU B 57 -5.41 -27.97 -24.78
C LEU B 57 -5.42 -29.50 -24.96
N ASP B 58 -6.18 -30.18 -24.11
CA ASP B 58 -6.36 -31.63 -24.20
C ASP B 58 -7.40 -32.01 -25.26
N ALA B 59 -7.42 -33.28 -25.63
CA ALA B 59 -8.32 -33.80 -26.65
C ALA B 59 -9.77 -33.55 -26.26
N ASP B 60 -10.08 -33.78 -24.98
CA ASP B 60 -11.44 -33.65 -24.47
C ASP B 60 -11.97 -32.23 -24.65
N HIS B 61 -11.11 -31.25 -24.42
CA HIS B 61 -11.54 -29.85 -24.52
C HIS B 61 -11.97 -29.57 -25.94
N PRO B 62 -13.02 -28.76 -26.11
CA PRO B 62 -13.45 -28.46 -27.47
C PRO B 62 -12.43 -27.60 -28.21
N ASP B 66 -12.35 -26.54 -31.30
CA ASP B 66 -12.63 -25.46 -32.23
C ASP B 66 -11.36 -24.63 -32.42
N ASN B 67 -10.88 -24.57 -33.66
CA ASN B 67 -9.68 -23.84 -34.05
C ASN B 67 -9.81 -22.32 -33.89
N VAL B 68 -11.00 -21.79 -34.15
CA VAL B 68 -11.27 -20.37 -33.99
C VAL B 68 -11.13 -20.01 -32.52
N TYR B 69 -11.57 -20.92 -31.65
CA TYR B 69 -11.44 -20.74 -30.21
C TYR B 69 -9.97 -20.70 -29.82
N ARG B 70 -9.16 -21.55 -30.46
CA ARG B 70 -7.72 -21.58 -30.25
C ARG B 70 -7.10 -20.26 -30.71
N GLN B 71 -7.67 -19.65 -31.75
CA GLN B 71 -7.17 -18.39 -32.29
C GLN B 71 -7.22 -17.33 -31.19
N ARG B 72 -8.37 -17.25 -30.52
CA ARG B 72 -8.61 -16.33 -29.41
C ARG B 72 -7.76 -16.64 -28.18
N ARG B 73 -7.60 -17.92 -27.86
CA ARG B 73 -6.87 -18.30 -26.65
C ARG B 73 -5.39 -17.92 -26.72
N LYS B 74 -4.75 -18.13 -27.86
CA LYS B 74 -3.34 -17.78 -27.98
C LYS B 74 -3.22 -16.28 -27.77
N TYR B 75 -4.20 -15.54 -28.29
CA TYR B 75 -4.22 -14.09 -28.07
C TYR B 75 -4.22 -13.84 -26.56
N PHE B 76 -5.21 -14.40 -25.87
CA PHE B 76 -5.33 -14.25 -24.41
C PHE B 76 -4.05 -14.57 -23.65
N VAL B 77 -3.38 -15.63 -24.05
CA VAL B 77 -2.09 -16.00 -23.45
C VAL B 77 -1.03 -14.95 -23.75
N ASP B 78 -1.02 -14.46 -24.98
CA ASP B 78 -0.06 -13.44 -25.41
C ASP B 78 -0.19 -12.18 -24.55
N VAL B 79 -1.42 -11.77 -24.30
CA VAL B 79 -1.74 -10.64 -23.42
C VAL B 79 -1.25 -10.83 -21.98
N ALA B 80 -1.48 -12.00 -21.43
CA ALA B 80 -1.09 -12.33 -20.06
C ALA B 80 0.43 -12.33 -19.93
N MET B 81 1.09 -12.90 -20.94
CA MET B 81 2.54 -12.90 -21.02
C MET B 81 3.10 -11.48 -21.16
N GLY B 82 2.32 -10.60 -21.79
CA GLY B 82 2.73 -9.24 -22.05
C GLY B 82 2.56 -8.30 -20.88
N TYR B 83 1.79 -8.72 -19.88
CA TYR B 83 1.62 -7.94 -18.66
C TYR B 83 2.84 -7.99 -17.75
N LYS B 84 3.29 -6.81 -17.32
CA LYS B 84 4.34 -6.71 -16.31
C LYS B 84 3.89 -5.72 -15.23
N TYR B 85 4.51 -5.79 -14.06
CA TYR B 85 4.12 -4.99 -12.90
C TYR B 85 4.06 -3.48 -13.13
N GLY B 86 2.98 -2.85 -12.67
CA GLY B 86 2.86 -1.41 -12.69
C GLY B 86 2.08 -0.81 -13.84
N GLN B 87 1.73 -1.64 -14.83
CA GLN B 87 0.96 -1.18 -15.97
C GLN B 87 -0.46 -1.72 -15.92
N PRO B 88 -1.45 -0.94 -16.42
CA PRO B 88 -2.85 -1.36 -16.34
C PRO B 88 -3.14 -2.68 -17.06
N ILE B 89 -4.02 -3.48 -16.48
CA ILE B 89 -4.46 -4.72 -17.11
C ILE B 89 -5.21 -4.44 -18.40
N PRO B 90 -4.72 -4.97 -19.54
CA PRO B 90 -5.27 -4.67 -20.87
C PRO B 90 -6.77 -4.89 -20.98
N ARG B 91 -7.48 -3.98 -21.63
CA ARG B 91 -8.90 -4.17 -21.88
C ARG B 91 -9.11 -5.00 -23.15
N VAL B 92 -10.10 -5.88 -23.10
CA VAL B 92 -10.31 -6.85 -24.17
C VAL B 92 -11.71 -6.73 -24.75
N GLU B 93 -11.83 -6.79 -26.08
CA GLU B 93 -13.14 -6.77 -26.69
C GLU B 93 -13.56 -8.21 -26.88
N TYR B 94 -14.54 -8.61 -26.09
CA TYR B 94 -15.02 -9.98 -26.14
C TYR B 94 -15.89 -10.21 -27.37
N THR B 95 -15.86 -11.41 -27.90
CA THR B 95 -16.74 -11.80 -28.99
C THR B 95 -18.14 -11.98 -28.41
N GLU B 96 -19.16 -11.92 -29.26
CA GLU B 96 -20.53 -12.13 -28.79
C GLU B 96 -20.63 -13.55 -28.23
N GLU B 97 -19.93 -14.49 -28.86
CA GLU B 97 -20.00 -15.90 -28.47
C GLU B 97 -19.53 -16.09 -27.04
N GLU B 98 -18.47 -15.39 -26.69
CA GLU B 98 -17.94 -15.39 -25.33
C GLU B 98 -18.91 -14.73 -24.36
N THR B 99 -19.51 -13.63 -24.81
CA THR B 99 -20.46 -12.85 -24.01
C THR B 99 -21.76 -13.60 -23.75
N LYS B 100 -22.28 -14.30 -24.76
CA LYS B 100 -23.52 -15.05 -24.58
C LYS B 100 -23.31 -16.15 -23.55
N THR B 101 -22.16 -16.82 -23.64
CA THR B 101 -21.82 -17.88 -22.71
C THR B 101 -21.69 -17.33 -21.29
N TRP B 102 -21.08 -16.15 -21.18
CA TRP B 102 -20.88 -15.49 -19.90
C TRP B 102 -22.24 -15.23 -19.26
N GLY B 103 -23.18 -14.76 -20.08
CA GLY B 103 -24.52 -14.46 -19.62
C GLY B 103 -25.22 -15.70 -19.09
N VAL B 104 -25.04 -16.82 -19.78
CA VAL B 104 -25.65 -18.08 -19.38
C VAL B 104 -25.24 -18.51 -17.98
N VAL B 105 -23.93 -18.58 -17.75
CA VAL B 105 -23.39 -18.95 -16.44
C VAL B 105 -23.84 -17.91 -15.41
N PHE B 106 -23.88 -16.65 -15.84
CA PHE B 106 -24.25 -15.55 -14.97
C PHE B 106 -25.68 -15.76 -14.46
N ARG B 107 -26.60 -16.15 -15.35
CA ARG B 107 -27.98 -16.42 -14.95
C ARG B 107 -28.16 -17.65 -14.08
N GLU B 108 -27.50 -18.75 -14.43
CA GLU B 108 -27.61 -19.99 -13.68
C GLU B 108 -27.11 -19.87 -12.26
N LEU B 109 -25.92 -19.30 -12.10
CA LEU B 109 -25.33 -19.12 -10.79
C LEU B 109 -26.16 -18.19 -9.91
N SER B 110 -26.63 -17.09 -10.50
CA SER B 110 -27.44 -16.10 -9.78
C SER B 110 -28.72 -16.70 -9.22
N LYS B 111 -29.25 -17.72 -9.89
CA LYS B 111 -30.50 -18.37 -9.48
C LYS B 111 -30.41 -18.90 -8.06
N LEU B 112 -29.30 -19.56 -7.77
CA LEU B 112 -29.10 -20.18 -6.47
C LEU B 112 -28.19 -19.44 -5.50
N TYR B 113 -27.78 -18.22 -5.84
CA TYR B 113 -26.88 -17.50 -4.95
C TYR B 113 -27.53 -17.07 -3.63
N PRO B 114 -28.78 -16.59 -3.66
CA PRO B 114 -29.35 -16.20 -2.36
C PRO B 114 -29.46 -17.42 -1.45
N THR B 115 -29.93 -18.52 -2.04
CA THR B 115 -30.10 -19.80 -1.37
C THR B 115 -28.83 -20.53 -0.92
N HIS B 116 -27.79 -20.52 -1.76
CA HIS B 116 -26.57 -21.26 -1.42
C HIS B 116 -25.28 -20.48 -1.09
N ALA B 117 -25.21 -19.20 -1.45
CA ALA B 117 -24.01 -18.41 -1.17
C ALA B 117 -24.00 -17.74 0.21
N CYS B 118 -22.79 -17.51 0.74
CA CYS B 118 -22.61 -16.89 2.06
C CYS B 118 -22.98 -15.40 2.04
N ARG B 119 -23.05 -14.80 3.23
CA ARG B 119 -23.47 -13.40 3.39
C ARG B 119 -22.56 -12.44 2.66
N GLU B 120 -21.26 -12.70 2.73
CA GLU B 120 -20.26 -11.86 2.08
C GLU B 120 -20.46 -11.79 0.59
N TYR B 121 -20.79 -12.92 -0.03
CA TYR B 121 -21.04 -12.95 -1.47
C TYR B 121 -22.21 -12.03 -1.79
N LEU B 122 -23.29 -12.21 -1.04
CA LEU B 122 -24.54 -11.52 -1.33
C LEU B 122 -24.45 -10.03 -1.05
N LYS B 123 -23.62 -9.65 -0.09
CA LYS B 123 -23.37 -8.23 0.19
C LYS B 123 -22.54 -7.58 -0.92
N ASN B 124 -21.56 -8.31 -1.44
CA ASN B 124 -20.62 -7.78 -2.44
C ASN B 124 -21.09 -7.84 -3.90
N PHE B 125 -22.00 -8.75 -4.20
CA PHE B 125 -22.44 -8.92 -5.59
C PHE B 125 -23.17 -7.67 -6.13
N PRO B 126 -24.05 -7.02 -5.33
CA PRO B 126 -24.67 -5.81 -5.87
C PRO B 126 -23.67 -4.68 -6.15
N LEU B 127 -22.62 -4.59 -5.32
CA LEU B 127 -21.56 -3.61 -5.54
C LEU B 127 -20.81 -3.83 -6.85
N LEU B 128 -20.65 -5.10 -7.25
CA LEU B 128 -19.94 -5.45 -8.47
C LEU B 128 -20.72 -5.00 -9.69
N THR B 129 -22.04 -5.03 -9.58
CA THR B 129 -22.95 -4.57 -10.61
C THR B 129 -22.86 -3.07 -10.90
N LYS B 130 -22.61 -2.27 -9.86
CA LYS B 130 -22.64 -0.83 -10.02
C LYS B 130 -21.31 -0.26 -10.51
N TYR B 131 -20.21 -0.90 -10.12
CA TYR B 131 -18.87 -0.37 -10.38
C TYR B 131 -18.01 -1.17 -11.36
N CYS B 132 -18.28 -2.47 -11.50
CA CYS B 132 -17.41 -3.31 -12.32
C CYS B 132 -18.09 -3.79 -13.59
N GLY B 133 -19.29 -3.29 -13.83
CA GLY B 133 -20.00 -3.69 -15.03
C GLY B 133 -20.47 -5.13 -14.99
N TYR B 134 -20.90 -5.61 -13.82
CA TYR B 134 -21.33 -6.99 -13.75
C TYR B 134 -22.74 -7.02 -14.29
N ARG B 135 -22.87 -7.37 -15.56
CA ARG B 135 -24.15 -7.45 -16.23
C ARG B 135 -24.23 -8.69 -17.11
N GLU B 136 -25.42 -9.27 -17.19
CA GLU B 136 -25.63 -10.47 -18.00
C GLU B 136 -25.15 -10.30 -19.45
N ASP B 137 -25.29 -9.09 -19.97
CA ASP B 137 -24.90 -8.78 -21.33
C ASP B 137 -23.45 -8.32 -21.49
N ASN B 138 -22.71 -8.22 -20.40
CA ASN B 138 -21.35 -7.69 -20.51
C ASN B 138 -20.31 -8.49 -19.76
N VAL B 139 -19.07 -8.39 -20.24
CA VAL B 139 -17.95 -9.06 -19.61
C VAL B 139 -17.15 -8.01 -18.86
N PRO B 140 -17.01 -8.19 -17.54
CA PRO B 140 -16.27 -7.26 -16.68
C PRO B 140 -14.78 -7.32 -17.01
N GLN B 141 -14.11 -6.18 -16.92
CA GLN B 141 -12.67 -6.15 -17.21
C GLN B 141 -11.84 -6.23 -15.94
N LEU B 142 -10.72 -6.92 -16.03
CA LEU B 142 -9.89 -7.22 -14.86
C LEU B 142 -9.48 -5.91 -14.20
N GLU B 143 -9.22 -4.90 -15.03
CA GLU B 143 -8.79 -3.60 -14.53
C GLU B 143 -9.87 -2.95 -13.68
N ASP B 144 -11.13 -3.11 -14.09
CA ASP B 144 -12.25 -2.62 -13.30
C ASP B 144 -12.30 -3.35 -11.96
N VAL B 145 -12.26 -4.68 -12.03
CA VAL B 145 -12.31 -5.52 -10.84
C VAL B 145 -11.12 -5.31 -9.90
N SER B 146 -9.94 -5.17 -10.49
CA SER B 146 -8.72 -4.98 -9.70
C SER B 146 -8.79 -3.71 -8.86
N MET B 147 -9.24 -2.63 -9.48
CA MET B 147 -9.31 -1.34 -8.80
C MET B 147 -10.42 -1.39 -7.77
N PHE B 148 -11.42 -2.22 -8.02
CA PHE B 148 -12.51 -2.47 -7.08
C PHE B 148 -12.03 -3.19 -5.83
N LEU B 149 -11.24 -4.25 -6.03
CA LEU B 149 -10.77 -5.07 -4.92
C LEU B 149 -9.75 -4.31 -4.08
N LYS B 150 -8.91 -3.50 -4.73
CA LYS B 150 -7.86 -2.80 -4.02
C LYS B 150 -8.50 -1.91 -2.95
N GLU B 151 -9.56 -1.20 -3.32
CA GLU B 151 -10.28 -0.34 -2.39
C GLU B 151 -11.00 -1.12 -1.28
N ARG B 152 -11.69 -2.18 -1.66
CA ARG B 152 -12.43 -3.03 -0.72
C ARG B 152 -11.59 -3.86 0.25
N SER B 153 -10.46 -4.40 -0.20
CA SER B 153 -9.70 -5.34 0.63
C SER B 153 -8.20 -5.37 0.34
N GLY B 154 -7.74 -4.59 -0.62
CA GLY B 154 -6.33 -4.55 -0.91
C GLY B 154 -5.86 -5.61 -1.88
N PHE B 155 -6.80 -6.38 -2.44
CA PHE B 155 -6.44 -7.31 -3.50
C PHE B 155 -6.40 -6.66 -4.87
N THR B 156 -5.57 -7.25 -5.72
CA THR B 156 -5.45 -6.84 -7.11
C THR B 156 -5.32 -8.12 -7.91
N VAL B 157 -5.91 -8.14 -9.10
CA VAL B 157 -5.83 -9.33 -9.93
C VAL B 157 -4.75 -9.22 -11.00
N ARG B 158 -4.18 -10.37 -11.38
CA ARG B 158 -3.26 -10.45 -12.49
C ARG B 158 -3.74 -11.42 -13.53
N PRO B 159 -3.74 -11.00 -14.79
CA PRO B 159 -3.98 -11.95 -15.87
C PRO B 159 -2.82 -12.94 -15.98
N VAL B 160 -3.14 -14.23 -15.99
CA VAL B 160 -2.10 -15.24 -15.95
C VAL B 160 -2.14 -16.05 -17.24
N ALA B 161 -0.98 -16.53 -17.67
CA ALA B 161 -0.84 -17.12 -19.00
C ALA B 161 -1.05 -18.63 -18.98
N GLY B 162 -1.35 -19.17 -17.81
CA GLY B 162 -1.57 -20.60 -17.69
C GLY B 162 -1.40 -21.09 -16.27
N TYR B 163 -1.18 -22.39 -16.13
CA TYR B 163 -0.95 -23.01 -14.83
C TYR B 163 0.39 -22.59 -14.23
N LEU B 164 0.37 -22.29 -12.94
CA LEU B 164 1.59 -21.93 -12.22
C LEU B 164 1.88 -23.00 -11.19
N SER B 165 3.14 -23.13 -10.79
CA SER B 165 3.45 -24.03 -9.68
C SER B 165 2.72 -23.55 -8.44
N PRO B 166 2.30 -24.47 -7.57
CA PRO B 166 1.60 -24.10 -6.33
C PRO B 166 2.42 -23.13 -5.48
N ARG B 167 3.73 -23.26 -5.54
CA ARG B 167 4.62 -22.33 -4.85
C ARG B 167 4.41 -20.93 -5.42
N ASP B 168 4.42 -20.83 -6.75
CA ASP B 168 4.25 -19.54 -7.43
C ASP B 168 2.86 -18.95 -7.30
N PHE B 169 1.84 -19.79 -7.40
CA PHE B 169 0.48 -19.32 -7.31
C PHE B 169 0.18 -18.77 -5.91
N LEU B 170 0.56 -19.54 -4.89
CA LEU B 170 0.35 -19.13 -3.51
C LEU B 170 1.19 -17.90 -3.14
N ALA B 171 2.33 -17.73 -3.81
CA ALA B 171 3.18 -16.58 -3.55
C ALA B 171 2.45 -15.28 -3.85
N GLY B 172 1.60 -15.32 -4.88
CA GLY B 172 0.78 -14.17 -5.24
C GLY B 172 -0.17 -13.79 -4.11
N LEU B 173 -0.71 -14.79 -3.45
CA LEU B 173 -1.64 -14.58 -2.34
C LEU B 173 -0.97 -13.82 -1.20
N ALA B 174 0.32 -14.08 -1.00
CA ALA B 174 1.09 -13.40 0.03
C ALA B 174 1.07 -11.89 -0.19
N TYR B 175 0.92 -11.49 -1.44
CA TYR B 175 0.87 -10.07 -1.81
C TYR B 175 -0.56 -9.61 -2.06
N ARG B 176 -1.52 -10.47 -1.75
CA ARG B 176 -2.92 -10.24 -2.07
C ARG B 176 -3.09 -10.00 -3.56
N VAL B 177 -2.47 -10.88 -4.34
CA VAL B 177 -2.57 -10.87 -5.79
C VAL B 177 -3.19 -12.17 -6.26
N PHE B 178 -4.32 -12.08 -6.95
CA PHE B 178 -4.95 -13.28 -7.48
C PHE B 178 -4.69 -13.40 -8.97
N HIS B 179 -4.15 -14.54 -9.36
CA HIS B 179 -3.90 -14.80 -10.76
C HIS B 179 -5.16 -15.30 -11.45
N CYS B 180 -5.56 -14.58 -12.49
CA CYS B 180 -6.81 -14.84 -13.17
C CYS B 180 -6.59 -15.18 -14.62
N THR B 181 -7.30 -16.18 -15.10
CA THR B 181 -7.35 -16.47 -16.51
C THR B 181 -8.29 -15.43 -17.11
N GLN B 182 -8.03 -15.02 -18.34
CA GLN B 182 -8.75 -13.91 -18.94
C GLN B 182 -9.65 -14.38 -20.08
N TYR B 183 -9.47 -15.64 -20.45
CA TYR B 183 -10.26 -16.31 -21.49
C TYR B 183 -11.60 -16.89 -21.02
N ILE B 184 -12.48 -17.17 -21.99
CA ILE B 184 -13.78 -17.78 -21.72
C ILE B 184 -13.86 -19.25 -22.13
N ARG B 185 -14.69 -19.99 -21.40
CA ARG B 185 -14.90 -21.41 -21.62
C ARG B 185 -15.56 -21.54 -23.00
N HIS B 186 -15.08 -22.42 -23.86
CA HIS B 186 -15.83 -22.69 -25.08
C HIS B 186 -17.22 -23.22 -24.75
N SER B 188 -19.37 -24.49 -26.56
CA SER B 188 -19.96 -25.81 -26.73
C SER B 188 -20.88 -26.15 -25.56
N ASP B 189 -20.33 -26.15 -24.36
CA ASP B 189 -21.12 -26.37 -23.16
C ASP B 189 -20.73 -25.23 -22.22
N PRO B 190 -21.73 -24.45 -21.79
CA PRO B 190 -21.44 -23.36 -20.84
C PRO B 190 -21.29 -23.85 -19.41
N LEU B 191 -22.10 -24.80 -19.00
CA LEU B 191 -22.06 -25.31 -17.63
C LEU B 191 -20.83 -26.16 -17.33
N TYR B 192 -20.22 -26.74 -18.36
CA TYR B 192 -19.12 -27.67 -18.08
C TYR B 192 -17.86 -26.86 -18.24
N THR B 193 -16.99 -26.95 -17.24
CA THR B 193 -15.72 -26.30 -17.31
C THR B 193 -14.69 -27.21 -16.65
N PRO B 194 -13.61 -27.52 -17.37
CA PRO B 194 -12.49 -28.34 -16.90
C PRO B 194 -11.29 -27.52 -16.42
N GLU B 195 -11.31 -26.22 -16.68
CA GLU B 195 -10.20 -25.37 -16.27
C GLU B 195 -10.68 -24.00 -15.80
N PRO B 196 -9.89 -23.31 -14.98
CA PRO B 196 -10.38 -21.99 -14.56
C PRO B 196 -10.49 -21.04 -15.73
N ASP B 197 -11.61 -20.32 -15.85
CA ASP B 197 -11.69 -19.29 -16.86
C ASP B 197 -12.14 -18.02 -16.17
N THR B 198 -12.28 -16.93 -16.92
CA THR B 198 -12.59 -15.63 -16.31
C THR B 198 -13.97 -15.66 -15.66
N CYS B 199 -14.89 -16.45 -16.22
CA CYS B 199 -16.20 -16.63 -15.61
C CYS B 199 -16.05 -17.19 -14.21
N HIS B 200 -15.23 -18.22 -14.06
CA HIS B 200 -14.95 -18.82 -12.76
C HIS B 200 -14.26 -17.80 -11.85
N GLU B 201 -13.26 -17.11 -12.39
CA GLU B 201 -12.52 -16.13 -11.61
C GLU B 201 -13.42 -14.99 -11.14
N LEU B 202 -14.25 -14.48 -12.05
CA LEU B 202 -15.06 -13.30 -11.74
C LEU B 202 -16.28 -13.61 -10.88
N LEU B 203 -16.91 -14.76 -11.11
CA LEU B 203 -18.14 -15.10 -10.40
C LEU B 203 -17.89 -15.92 -9.14
N GLY B 204 -16.76 -16.63 -9.11
CA GLY B 204 -16.42 -17.46 -7.97
C GLY B 204 -15.55 -16.80 -6.92
N HIS B 205 -14.47 -16.17 -7.35
CA HIS B 205 -13.46 -15.66 -6.43
C HIS B 205 -13.71 -14.22 -5.99
N VAL B 206 -13.94 -13.35 -6.97
CA VAL B 206 -13.96 -11.90 -6.74
C VAL B 206 -14.93 -11.41 -5.65
N PRO B 207 -16.17 -11.95 -5.61
CA PRO B 207 -17.07 -11.46 -4.55
C PRO B 207 -16.55 -11.73 -3.13
N LEU B 208 -15.78 -12.80 -2.96
CA LEU B 208 -15.19 -13.10 -1.66
C LEU B 208 -13.87 -12.40 -1.43
N LEU B 209 -13.12 -12.16 -2.51
CA LEU B 209 -11.88 -11.40 -2.40
C LEU B 209 -12.14 -9.96 -1.94
N ALA B 210 -13.39 -9.53 -2.05
CA ALA B 210 -13.78 -8.18 -1.64
C ALA B 210 -13.98 -8.05 -0.13
N ASP B 211 -14.01 -9.17 0.58
CA ASP B 211 -14.23 -9.15 2.02
C ASP B 211 -12.89 -9.12 2.76
N PRO B 212 -12.65 -8.05 3.54
CA PRO B 212 -11.42 -7.82 4.30
C PRO B 212 -10.91 -9.03 5.09
N LYS B 213 -11.81 -9.78 5.71
CA LYS B 213 -11.39 -10.93 6.52
C LYS B 213 -11.00 -12.13 5.66
N PHE B 214 -11.76 -12.37 4.60
CA PHE B 214 -11.41 -13.41 3.64
C PHE B 214 -10.06 -13.06 3.01
N ALA B 215 -9.86 -11.78 2.77
CA ALA B 215 -8.61 -11.27 2.24
C ALA B 215 -7.46 -11.61 3.19
N GLN B 216 -7.70 -11.41 4.48
CA GLN B 216 -6.68 -11.72 5.48
C GLN B 216 -6.36 -13.20 5.46
N PHE B 217 -7.40 -14.02 5.35
CA PHE B 217 -7.26 -15.47 5.34
C PHE B 217 -6.49 -16.01 4.13
N SER B 218 -6.79 -15.49 2.94
CA SER B 218 -6.10 -15.92 1.74
C SER B 218 -4.63 -15.55 1.77
N GLN B 219 -4.34 -14.34 2.25
CA GLN B 219 -2.97 -13.87 2.34
C GLN B 219 -2.19 -14.74 3.29
N GLU B 220 -2.86 -15.17 4.36
CA GLU B 220 -2.23 -16.01 5.36
C GLU B 220 -1.70 -17.31 4.77
N ILE B 221 -2.46 -17.91 3.87
CA ILE B 221 -2.01 -19.13 3.22
C ILE B 221 -0.75 -18.86 2.40
N GLY B 222 -0.74 -17.74 1.67
CA GLY B 222 0.40 -17.38 0.85
C GLY B 222 1.66 -17.15 1.65
N LEU B 223 1.51 -16.40 2.74
CA LEU B 223 2.63 -16.09 3.63
C LEU B 223 3.25 -17.37 4.17
N ALA B 224 2.39 -18.35 4.45
CA ALA B 224 2.82 -19.63 5.00
C ALA B 224 3.74 -20.34 4.02
N SER B 225 3.46 -20.16 2.73
CA SER B 225 4.16 -20.91 1.69
C SER B 225 5.56 -20.37 1.42
N LEU B 226 5.78 -19.09 1.71
CA LEU B 226 7.02 -18.42 1.32
C LEU B 226 8.26 -19.12 1.91
N GLY B 227 9.08 -19.67 1.04
CA GLY B 227 10.30 -20.34 1.46
C GLY B 227 10.08 -21.67 2.15
N ALA B 228 8.86 -22.20 2.06
CA ALA B 228 8.55 -23.50 2.66
C ALA B 228 9.08 -24.61 1.77
N SER B 229 9.21 -25.81 2.34
CA SER B 229 9.56 -26.97 1.54
C SER B 229 8.42 -27.32 0.59
N ASP B 230 8.75 -28.01 -0.49
CA ASP B 230 7.77 -28.43 -1.50
C ASP B 230 6.69 -29.25 -0.82
N GLU B 231 7.11 -30.06 0.15
CA GLU B 231 6.20 -30.90 0.93
C GLU B 231 5.15 -30.05 1.61
N ASP B 232 5.59 -29.02 2.32
CA ASP B 232 4.68 -28.09 3.00
C ASP B 232 3.81 -27.29 2.03
N VAL B 233 4.38 -26.84 0.92
CA VAL B 233 3.65 -26.04 -0.06
C VAL B 233 2.41 -26.80 -0.59
N GLN B 234 2.60 -28.07 -0.93
CA GLN B 234 1.49 -28.89 -1.44
C GLN B 234 0.40 -29.04 -0.39
N LYS B 235 0.78 -29.28 0.86
CA LYS B 235 -0.18 -29.38 1.94
C LYS B 235 -0.99 -28.07 2.03
N LEU B 236 -0.32 -26.96 1.78
CA LEU B 236 -1.01 -25.67 1.68
C LEU B 236 -1.91 -25.59 0.46
N ALA B 237 -1.49 -26.20 -0.64
CA ALA B 237 -2.30 -26.22 -1.86
C ALA B 237 -3.60 -26.97 -1.62
N THR B 238 -3.51 -28.07 -0.87
CA THR B 238 -4.69 -28.86 -0.52
C THR B 238 -5.58 -28.03 0.40
N CYS B 239 -4.98 -27.35 1.36
CA CYS B 239 -5.72 -26.53 2.32
C CYS B 239 -6.44 -25.42 1.55
N TYR B 240 -5.71 -24.84 0.60
CA TYR B 240 -6.23 -23.77 -0.25
C TYR B 240 -7.46 -24.28 -1.02
N PHE B 241 -7.30 -25.48 -1.58
CA PHE B 241 -8.34 -26.10 -2.39
C PHE B 241 -9.64 -26.31 -1.64
N PHE B 242 -9.56 -26.94 -0.47
CA PHE B 242 -10.76 -27.23 0.30
C PHE B 242 -11.38 -25.95 0.84
N THR B 243 -10.53 -25.03 1.29
CA THR B 243 -10.99 -23.75 1.82
C THR B 243 -11.52 -22.78 0.77
N ILE B 244 -10.72 -22.47 -0.24
CA ILE B 244 -11.14 -21.40 -1.14
C ILE B 244 -11.87 -21.92 -2.35
N GLU B 245 -11.32 -22.93 -3.00
CA GLU B 245 -11.98 -23.50 -4.16
C GLU B 245 -13.29 -24.18 -3.77
N PHE B 246 -13.34 -24.81 -2.59
CA PHE B 246 -14.52 -25.59 -2.23
C PHE B 246 -14.99 -25.52 -0.77
N GLY B 247 -14.74 -24.41 -0.07
CA GLY B 247 -15.15 -24.33 1.31
C GLY B 247 -16.59 -23.91 1.58
N LEU B 248 -17.16 -24.42 2.66
CA LEU B 248 -18.46 -24.02 3.18
C LEU B 248 -18.32 -23.27 4.50
N CYS B 249 -19.21 -22.33 4.80
CA CYS B 249 -19.15 -21.75 6.14
C CYS B 249 -20.51 -21.45 6.75
N LYS B 250 -20.72 -21.87 7.99
CA LYS B 250 -21.99 -21.64 8.67
C LYS B 250 -22.18 -20.17 9.05
N GLN B 251 -23.39 -19.65 8.86
CA GLN B 251 -23.73 -18.29 9.26
C GLN B 251 -25.18 -18.31 9.72
N GLU B 252 -25.50 -17.66 10.85
CA GLU B 252 -26.91 -17.62 11.28
C GLU B 252 -27.41 -19.03 11.62
N GLY B 253 -26.48 -19.96 11.81
CA GLY B 253 -26.78 -21.37 11.97
C GLY B 253 -27.06 -22.18 10.72
N GLN B 254 -26.78 -21.60 9.56
CA GLN B 254 -27.24 -22.13 8.29
C GLN B 254 -25.99 -22.45 7.47
N LEU B 255 -26.04 -23.52 6.67
CA LEU B 255 -24.90 -23.91 5.84
C LEU B 255 -24.93 -23.16 4.53
N ARG B 256 -23.85 -22.44 4.25
CA ARG B 256 -23.75 -21.72 2.98
C ARG B 256 -22.36 -21.93 2.39
N ALA B 257 -22.28 -21.88 1.06
CA ALA B 257 -21.02 -22.11 0.38
C ALA B 257 -20.23 -20.84 0.13
N TYR B 258 -18.93 -20.90 0.37
CA TYR B 258 -18.04 -19.79 0.02
C TYR B 258 -16.97 -20.28 -0.95
N GLY B 259 -16.94 -21.59 -1.21
CA GLY B 259 -15.96 -22.15 -2.13
C GLY B 259 -16.14 -21.62 -3.54
N ALA B 260 -15.05 -21.09 -4.10
CA ALA B 260 -15.06 -20.50 -5.44
C ALA B 260 -15.43 -21.51 -6.52
N GLY B 261 -14.95 -22.74 -6.35
CA GLY B 261 -15.27 -23.82 -7.27
C GLY B 261 -16.77 -24.05 -7.20
N LEU B 262 -17.30 -24.06 -5.97
CA LEU B 262 -18.74 -24.26 -5.78
C LEU B 262 -19.54 -23.16 -6.41
N LEU B 263 -19.09 -21.92 -6.26
CA LEU B 263 -19.81 -20.79 -6.83
C LEU B 263 -19.84 -20.91 -8.35
N SER B 264 -18.73 -21.34 -8.92
CA SER B 264 -18.57 -21.56 -10.36
C SER B 264 -19.42 -22.69 -10.95
N SER B 265 -19.54 -23.78 -10.21
CA SER B 265 -20.26 -24.97 -10.67
C SER B 265 -21.51 -25.28 -9.85
N ILE B 266 -22.66 -25.16 -10.51
CA ILE B 266 -23.98 -25.38 -9.89
C ILE B 266 -24.29 -26.78 -9.37
N GLY B 267 -24.00 -27.83 -10.14
CA GLY B 267 -24.33 -29.18 -9.73
C GLY B 267 -23.70 -29.53 -8.40
N GLU B 268 -22.42 -29.21 -8.31
CA GLU B 268 -21.63 -29.43 -7.11
C GLU B 268 -22.10 -28.53 -5.97
N LEU B 269 -22.48 -27.29 -6.30
CA LEU B 269 -22.92 -26.33 -5.30
C LEU B 269 -24.17 -26.81 -4.58
N LYS B 270 -25.12 -27.34 -5.35
CA LYS B 270 -26.37 -27.87 -4.82
C LYS B 270 -26.10 -29.08 -3.95
N HIS B 271 -25.19 -29.91 -4.44
CA HIS B 271 -24.79 -31.16 -3.77
C HIS B 271 -24.09 -31.03 -2.42
N ALA B 272 -23.21 -30.04 -2.26
CA ALA B 272 -22.50 -29.93 -0.99
C ALA B 272 -23.46 -29.67 0.16
N LEU B 273 -24.43 -28.78 -0.04
CA LEU B 273 -25.42 -28.50 0.99
C LEU B 273 -26.29 -29.74 1.26
N SER B 274 -26.67 -30.43 0.18
CA SER B 274 -27.50 -31.62 0.29
C SER B 274 -26.74 -32.80 0.89
N ASP B 275 -27.46 -33.64 1.62
CA ASP B 275 -26.89 -34.82 2.24
C ASP B 275 -26.22 -35.77 1.23
N CYS B 278 -20.89 -35.14 2.57
CA CYS B 278 -20.21 -35.26 3.86
C CYS B 278 -19.67 -33.91 4.32
N VAL B 279 -19.76 -33.67 5.62
CA VAL B 279 -19.28 -32.42 6.22
C VAL B 279 -18.29 -32.60 7.38
N LYS B 280 -17.16 -31.89 7.33
CA LYS B 280 -16.16 -31.98 8.38
C LYS B 280 -15.66 -30.59 8.77
N ALA B 281 -15.19 -30.44 10.01
CA ALA B 281 -14.68 -29.16 10.50
C ALA B 281 -13.35 -28.82 9.84
N PHE B 282 -13.10 -27.54 9.58
CA PHE B 282 -11.85 -27.18 8.94
C PHE B 282 -10.71 -27.12 9.95
N ASP B 283 -9.79 -28.07 9.83
CA ASP B 283 -8.58 -28.08 10.64
C ASP B 283 -7.48 -28.28 9.61
N PRO B 284 -6.52 -27.35 9.53
CA PRO B 284 -5.49 -27.39 8.47
C PRO B 284 -4.63 -28.64 8.46
N LYS B 285 -4.20 -29.06 9.64
CA LYS B 285 -3.33 -30.24 9.77
C LYS B 285 -4.03 -31.52 9.29
N THR B 286 -5.29 -31.69 9.66
CA THR B 286 -6.07 -32.85 9.20
C THR B 286 -6.47 -32.70 7.73
N THR B 287 -6.90 -31.50 7.34
CA THR B 287 -7.40 -31.22 5.99
C THR B 287 -6.40 -31.41 4.85
N CYS B 288 -5.14 -31.02 5.09
CA CYS B 288 -4.10 -31.12 4.08
C CYS B 288 -3.83 -32.55 3.62
N LEU B 289 -4.06 -33.49 4.54
CA LEU B 289 -3.84 -34.92 4.33
C LEU B 289 -4.73 -35.47 3.22
N GLN B 290 -5.97 -34.99 3.21
CA GLN B 290 -6.99 -35.37 2.23
C GLN B 290 -6.68 -34.91 0.81
N GLU B 291 -6.95 -35.80 -0.14
CA GLU B 291 -6.74 -35.59 -1.55
C GLU B 291 -7.87 -34.82 -2.23
N CYS B 292 -7.55 -34.29 -3.40
CA CYS B 292 -8.48 -33.52 -4.23
C CYS B 292 -8.76 -34.34 -5.48
N LEU B 293 -10.01 -34.62 -5.78
CA LEU B 293 -10.27 -35.33 -7.01
C LEU B 293 -10.64 -34.28 -8.04
N ILE B 294 -9.93 -34.27 -9.17
CA ILE B 294 -10.19 -33.28 -10.20
C ILE B 294 -11.57 -33.39 -10.83
N THR B 295 -11.93 -34.61 -11.21
CA THR B 295 -13.23 -34.93 -11.80
C THR B 295 -14.42 -35.23 -10.89
N THR B 296 -14.22 -36.07 -9.88
CA THR B 296 -15.32 -36.45 -9.00
C THR B 296 -15.57 -35.44 -7.88
N PHE B 297 -16.75 -35.55 -7.28
CA PHE B 297 -17.15 -34.76 -6.14
C PHE B 297 -16.35 -35.13 -4.91
N GLN B 298 -16.01 -34.13 -4.10
CA GLN B 298 -15.23 -34.35 -2.90
C GLN B 298 -16.00 -35.21 -1.89
N GLU B 299 -15.27 -36.04 -1.15
CA GLU B 299 -15.87 -36.88 -0.12
C GLU B 299 -16.52 -36.05 0.98
N TYR B 301 -16.16 -32.13 2.43
CA TYR B 301 -16.22 -30.67 2.34
C TYR B 301 -15.95 -30.07 3.71
N PHE B 302 -15.18 -28.98 3.76
CA PHE B 302 -14.79 -28.39 5.04
C PHE B 302 -15.52 -27.10 5.39
N VAL B 303 -15.88 -27.00 6.68
CA VAL B 303 -16.63 -25.87 7.19
C VAL B 303 -15.87 -25.05 8.21
N SER B 304 -16.02 -23.73 8.08
CA SER B 304 -15.38 -22.79 8.97
C SER B 304 -16.46 -21.86 9.54
N GLU B 305 -16.38 -21.54 10.83
CA GLU B 305 -17.38 -20.64 11.42
C GLU B 305 -17.25 -19.26 10.78
N SER B 306 -16.02 -18.87 10.54
CA SER B 306 -15.70 -17.57 9.98
C SER B 306 -14.34 -17.64 9.32
N PHE B 307 -13.95 -16.54 8.68
CA PHE B 307 -12.66 -16.44 8.01
C PHE B 307 -11.62 -16.08 9.04
N GLU B 308 -12.05 -15.36 10.07
CA GLU B 308 -11.19 -14.99 11.17
C GLU B 308 -10.78 -16.29 11.84
N GLU B 309 -11.75 -17.20 11.98
CA GLU B 309 -11.54 -18.50 12.59
C GLU B 309 -10.48 -19.25 11.77
N ALA B 310 -10.80 -19.47 10.49
CA ALA B 310 -9.95 -20.19 9.54
C ALA B 310 -8.53 -19.66 9.56
N LYS B 311 -8.40 -18.35 9.45
CA LYS B 311 -7.09 -17.69 9.41
C LYS B 311 -6.27 -18.04 10.66
N GLU B 312 -6.89 -17.97 11.84
CA GLU B 312 -6.16 -18.28 13.06
C GLU B 312 -5.62 -19.70 13.00
N LYS B 313 -6.49 -20.66 12.69
CA LYS B 313 -6.08 -22.05 12.52
C LYS B 313 -4.94 -22.20 11.50
N MET B 314 -4.93 -21.30 10.52
CA MET B 314 -3.86 -21.20 9.53
C MET B 314 -2.53 -20.74 10.08
N ARG B 315 -2.55 -19.67 10.87
CA ARG B 315 -1.33 -19.14 11.46
C ARG B 315 -0.74 -20.18 12.41
N ASP B 316 -1.62 -20.80 13.20
CA ASP B 316 -1.17 -21.81 14.15
C ASP B 316 -0.57 -23.02 13.42
N PHE B 317 -1.07 -23.26 12.21
CA PHE B 317 -0.51 -24.25 11.30
C PHE B 317 0.85 -23.86 10.72
N ALA B 318 1.04 -22.56 10.50
CA ALA B 318 2.25 -22.03 9.88
C ALA B 318 3.51 -22.19 10.72
N LYS B 319 3.36 -22.30 12.03
CA LYS B 319 4.50 -22.48 12.91
C LYS B 319 5.16 -23.85 12.70
N SER B 320 4.34 -24.88 12.50
CA SER B 320 4.84 -26.22 12.22
C SER B 320 5.59 -26.32 10.89
N ILE B 321 5.34 -25.38 9.99
CA ILE B 321 6.02 -25.32 8.70
C ILE B 321 7.50 -25.03 8.83
N THR B 322 8.33 -25.91 8.26
CA THR B 322 9.78 -25.80 8.39
C THR B 322 10.40 -24.70 7.52
N ARG B 323 10.93 -23.68 8.20
CA ARG B 323 11.72 -22.62 7.58
C ARG B 323 12.48 -21.91 8.70
N PRO B 324 13.68 -21.37 8.39
CA PRO B 324 14.52 -20.81 9.45
C PRO B 324 14.00 -19.49 10.01
N PHE B 325 12.95 -18.96 9.39
CA PHE B 325 12.52 -17.59 9.67
C PHE B 325 11.01 -17.52 9.76
N SER B 326 10.51 -16.44 10.34
CA SER B 326 9.08 -16.13 10.24
C SER B 326 8.94 -14.97 9.26
N VAL B 327 7.74 -14.76 8.72
CA VAL B 327 7.56 -13.65 7.78
C VAL B 327 6.58 -12.58 8.26
N TYR B 328 6.95 -11.32 8.08
CA TYR B 328 6.05 -10.20 8.34
C TYR B 328 5.83 -9.49 7.03
N PHE B 329 4.60 -9.12 6.71
CA PHE B 329 4.34 -8.44 5.46
C PHE B 329 4.26 -6.91 5.65
N ASN B 330 5.02 -6.18 4.85
CA ASN B 330 4.99 -4.72 4.90
C ASN B 330 4.11 -4.15 3.79
N PRO B 331 2.87 -3.75 4.14
CA PRO B 331 1.90 -3.23 3.17
C PRO B 331 2.25 -1.85 2.65
N TYR B 332 3.16 -1.16 3.33
CA TYR B 332 3.60 0.16 2.91
C TYR B 332 4.55 0.05 1.73
N THR B 333 5.53 -0.84 1.85
CA THR B 333 6.51 -1.04 0.79
C THR B 333 6.14 -2.22 -0.09
N GLN B 334 5.09 -2.93 0.31
CA GLN B 334 4.62 -4.13 -0.39
C GLN B 334 5.75 -5.12 -0.56
N SER B 335 6.39 -5.46 0.56
CA SER B 335 7.53 -6.34 0.56
C SER B 335 7.42 -7.31 1.73
N ILE B 336 8.33 -8.27 1.78
CA ILE B 336 8.32 -9.25 2.86
C ILE B 336 9.43 -8.96 3.87
N GLU B 337 9.07 -8.82 5.13
CA GLU B 337 10.06 -8.74 6.19
C GLU B 337 10.39 -10.14 6.66
N ILE B 338 11.69 -10.43 6.79
CA ILE B 338 12.13 -11.72 7.31
C ILE B 338 12.53 -11.62 8.78
N LEU B 339 11.76 -12.28 9.63
CA LEU B 339 12.01 -12.26 11.08
C LEU B 339 13.02 -13.34 11.45
N LYS B 340 14.29 -12.98 11.40
CA LYS B 340 15.41 -13.87 11.71
C LYS B 340 16.28 -13.38 12.86
N ASP B 341 16.20 -12.08 13.17
CA ASP B 341 17.01 -11.51 14.24
C ASP B 341 16.13 -10.76 15.24
N THR B 342 16.74 -10.24 16.30
CA THR B 342 15.98 -9.55 17.33
C THR B 342 15.56 -8.15 16.88
N ARG B 343 16.40 -7.55 16.05
CA ARG B 343 16.15 -6.19 15.57
C ARG B 343 14.87 -6.10 14.75
N SER B 344 14.68 -7.07 13.85
CA SER B 344 13.46 -7.13 13.06
C SER B 344 12.24 -7.45 13.91
N ILE B 345 12.41 -8.37 14.86
CA ILE B 345 11.33 -8.69 15.79
C ILE B 345 10.96 -7.51 16.68
N GLU B 346 11.96 -6.78 17.19
CA GLU B 346 11.65 -5.60 17.99
C GLU B 346 10.86 -4.57 17.19
N ASN B 347 11.26 -4.40 15.93
CA ASN B 347 10.69 -3.35 15.11
C ASN B 347 9.20 -3.57 14.92
N VAL B 348 8.81 -4.83 14.85
CA VAL B 348 7.40 -5.19 14.81
C VAL B 348 6.75 -4.82 16.14
N VAL B 349 7.38 -5.22 17.24
CA VAL B 349 6.82 -5.01 18.57
C VAL B 349 6.62 -3.52 18.87
N GLN B 350 7.61 -2.70 18.50
CA GLN B 350 7.47 -1.25 18.67
C GLN B 350 6.28 -0.72 17.88
N ASP B 351 6.16 -1.15 16.64
CA ASP B 351 5.00 -0.83 15.80
C ASP B 351 3.70 -1.19 16.50
N LEU B 352 3.67 -2.40 17.05
CA LEU B 352 2.48 -2.89 17.76
C LEU B 352 2.20 -2.03 18.99
N ARG B 353 3.26 -1.54 19.64
CA ARG B 353 3.08 -0.64 20.77
C ARG B 353 2.35 0.62 20.34
N SER B 354 2.80 1.21 19.23
CA SER B 354 2.16 2.40 18.69
C SER B 354 0.70 2.16 18.35
N ASP B 355 0.42 1.02 17.72
CA ASP B 355 -0.95 0.71 17.30
C ASP B 355 -1.85 0.58 18.53
N LEU B 356 -1.27 0.12 19.63
CA LEU B 356 -2.01 0.03 20.89
C LEU B 356 -2.30 1.40 21.49
N ASN B 357 -1.40 2.36 21.26
CA ASN B 357 -1.66 3.73 21.66
C ASN B 357 -2.89 4.28 20.96
N THR B 358 -3.08 3.90 19.71
CA THR B 358 -4.24 4.34 18.94
C THR B 358 -5.51 3.72 19.51
N VAL B 359 -5.40 2.47 19.93
CA VAL B 359 -6.51 1.81 20.62
C VAL B 359 -6.88 2.60 21.86
N CYS B 360 -5.87 3.00 22.62
CA CYS B 360 -6.09 3.81 23.80
C CYS B 360 -6.75 5.15 23.49
N ASP B 361 -6.23 5.84 22.47
CA ASP B 361 -6.81 7.11 22.04
C ASP B 361 -8.29 6.96 21.72
N ALA B 362 -8.63 5.87 21.03
CA ALA B 362 -10.02 5.66 20.63
C ALA B 362 -10.91 5.54 21.85
N LEU B 363 -10.42 4.83 22.86
CA LEU B 363 -11.16 4.60 24.08
C LEU B 363 -11.35 5.86 24.92
N ASN B 364 -10.31 6.68 25.03
CA ASN B 364 -10.45 7.99 25.65
C ASN B 364 -11.52 8.85 25.01
N LYS B 365 -11.44 8.99 23.69
CA LYS B 365 -12.36 9.81 22.93
C LYS B 365 -13.78 9.30 23.16
N MET B 366 -13.91 7.98 23.23
CA MET B 366 -15.22 7.35 23.37
C MET B 366 -15.82 7.66 24.73
N ASN B 367 -14.97 7.67 25.76
CA ASN B 367 -15.40 8.12 27.07
C ASN B 367 -15.68 9.62 27.05
N GLN B 368 -14.80 10.38 26.40
CA GLN B 368 -14.96 11.83 26.24
C GLN B 368 -16.31 12.25 25.68
N TYR B 369 -16.80 11.52 24.68
CA TYR B 369 -18.02 11.94 24.00
C TYR B 369 -19.27 11.22 24.49
N LEU B 370 -19.11 10.04 25.07
CA LEU B 370 -20.28 9.28 25.48
C LEU B 370 -20.33 8.97 26.97
N GLY B 371 -19.23 9.24 27.70
CA GLY B 371 -19.18 8.99 29.13
C GLY B 371 -19.32 7.52 29.46
N ILE B 372 -18.64 6.68 28.70
CA ILE B 372 -18.87 5.24 28.75
C ILE B 372 -17.59 4.42 28.82
#